data_6E61
#
_entry.id   6E61
#
_cell.length_a   86.826
_cell.length_b   92.943
_cell.length_c   155.253
_cell.angle_alpha   90.000
_cell.angle_beta   90.000
_cell.angle_gamma   90.000
#
_symmetry.space_group_name_H-M   'P 21 21 21'
#
loop_
_entity.id
_entity.type
_entity.pdbx_description
1 polymer 'mixed-linkage glucan utilization locus (MLGUL) SGBP-B'
2 branched beta-D-glucopyranose-(1-4)-beta-D-glucopyranose-(1-4)-beta-D-glucopyranose-(1-3)-beta-D-glucopyranose-(1-4)-beta-D-glucopyranose-(1-4)-beta-D-glucopyranose-(1-3)-beta-D-glucopyranose
3 non-polymer 'MAGNESIUM ION'
4 non-polymer 1,2-ETHANEDIOL
5 water water
#
_entity_poly.entity_id   1
_entity_poly.type   'polypeptide(L)'
_entity_poly.pdbx_seq_one_letter_code
;MGSSHHHHHHSSGLVPRGSHMDEYMENMNTDPSKAATIDPNAQLTTAQLQTYGDLSMMEIYRNYHYAFTQQLMGCWNTTN
YGGRHTLDNNEMSRIWTSFYTQSLKNIIDAQYRTAEDAEKVNINSVLRIYRVYLMSIITDTYGDAPFSEAGLGFLEGKFN
PKYDKQEDIYNAFFLELEDAVNKIDPTKDKVTGDLIYAGDVTKWQQLANSLRLRFAMRISSVNPTKAQTEFENALAANGG
VITDASSDALIKYMTIAFSFGQEAYSDYRGNSLSQLLFGNDPANNPSYLCSTFFNQLYNSGDPRTFKISRCYYDGLMSAT
SPDNRVDITQEMIEKGIAFSPRDPGAYSWEPWPTGYDSDICAELAVNNPSVTATMAREVEPKLANNFLKSDNPGVVMTSA
EVKFLMAEATVKKWNVGSVSAEDLYKQGVRAAIDFLTDNYGCTATTDAEFDAFIQDKGAFGHTDNQKLEAINTQAWILHF
TNPAECWANVRRSGYPKLKSPAEYGFGQYLTGGTEIPVRLCYPVLESSYNKKSYNEAIERMGGTDNWHSLLWWDTEN
;
_entity_poly.pdbx_strand_id   A,B
#
loop_
_chem_comp.id
_chem_comp.type
_chem_comp.name
_chem_comp.formula
BGC D-saccharide, beta linking beta-D-glucopyranose 'C6 H12 O6'
EDO non-polymer 1,2-ETHANEDIOL 'C2 H6 O2'
MG non-polymer 'MAGNESIUM ION' 'Mg 2'
#
# COMPACT_ATOMS: atom_id res chain seq x y z
N ASP A 39 11.56 21.50 8.26
CA ASP A 39 10.63 21.69 7.10
C ASP A 39 9.22 21.30 7.50
N PRO A 40 8.21 22.19 7.32
CA PRO A 40 6.84 21.90 7.75
C PRO A 40 6.25 20.61 7.16
N ASN A 41 6.54 20.34 5.88
CA ASN A 41 5.99 19.18 5.17
C ASN A 41 6.55 17.88 5.77
N ALA A 42 7.86 17.89 6.07
CA ALA A 42 8.55 16.76 6.71
C ALA A 42 7.94 16.46 8.08
N GLN A 43 7.57 17.51 8.81
CA GLN A 43 6.98 17.38 10.17
C GLN A 43 5.63 16.66 10.10
N LEU A 44 4.88 16.90 9.02
CA LEU A 44 3.61 16.26 8.79
C LEU A 44 3.83 14.75 8.64
N THR A 45 4.79 14.38 7.79
CA THR A 45 5.15 12.98 7.53
C THR A 45 5.35 12.24 8.86
N THR A 46 6.20 12.81 9.72
CA THR A 46 6.65 12.14 10.94
C THR A 46 5.49 12.05 11.93
N ALA A 47 4.78 13.16 12.13
CA ALA A 47 3.62 13.18 13.00
C ALA A 47 2.65 12.06 12.61
N GLN A 48 2.41 11.91 11.30
CA GLN A 48 1.48 10.93 10.78
C GLN A 48 1.98 9.52 11.06
N LEU A 49 3.27 9.28 10.79
CA LEU A 49 3.90 7.98 11.03
C LEU A 49 3.84 7.67 12.53
N GLN A 50 4.05 8.69 13.37
CA GLN A 50 4.13 8.54 14.84
C GLN A 50 2.75 8.21 15.43
N THR A 51 1.68 8.36 14.63
CA THR A 51 0.30 8.19 15.08
C THR A 51 0.03 6.71 15.42
N TYR A 52 0.41 5.79 14.52
CA TYR A 52 0.30 4.34 14.77
C TYR A 52 1.69 3.67 14.80
N GLY A 53 2.76 4.43 14.50
CA GLY A 53 4.08 3.85 14.26
C GLY A 53 4.93 3.74 15.53
N ASP A 54 4.54 4.47 16.57
CA ASP A 54 5.27 4.52 17.82
C ASP A 54 4.93 3.24 18.62
N LEU A 55 5.90 2.32 18.65
CA LEU A 55 5.78 1.03 19.31
C LEU A 55 5.55 1.23 20.80
N SER A 56 6.13 2.30 21.36
CA SER A 56 6.01 2.62 22.78
C SER A 56 4.58 3.03 23.15
N MET A 57 3.94 3.83 22.31
CA MET A 57 2.62 4.37 22.59
C MET A 57 1.53 3.32 22.34
N MET A 58 1.71 2.46 21.34
CA MET A 58 0.64 1.57 20.90
C MET A 58 0.34 0.51 21.97
N GLU A 59 1.24 0.34 22.94
CA GLU A 59 1.02 -0.56 24.07
C GLU A 59 -0.22 -0.17 24.85
N ILE A 60 -0.50 1.13 24.95
CA ILE A 60 -1.64 1.61 25.75
C ILE A 60 -2.93 0.97 25.22
N TYR A 61 -3.02 0.76 23.91
CA TYR A 61 -4.22 0.25 23.26
C TYR A 61 -4.40 -1.24 23.55
N ARG A 62 -3.29 -1.99 23.52
CA ARG A 62 -3.30 -3.42 23.81
C ARG A 62 -3.65 -3.63 25.29
N ASN A 63 -3.10 -2.77 26.16
CA ASN A 63 -3.16 -2.95 27.60
C ASN A 63 -4.54 -2.53 28.14
N TYR A 64 -5.04 -1.37 27.69
CA TYR A 64 -6.25 -0.77 28.27
C TYR A 64 -7.41 -0.82 27.26
N HIS A 65 -7.31 -0.03 26.18
CA HIS A 65 -8.45 0.27 25.27
C HIS A 65 -9.17 -1.02 24.84
N TYR A 66 -8.45 -1.95 24.24
CA TYR A 66 -9.05 -3.15 23.62
C TYR A 66 -9.75 -4.01 24.69
N ALA A 67 -9.36 -3.87 25.96
CA ALA A 67 -10.06 -4.52 27.08
C ALA A 67 -11.31 -3.74 27.47
N PHE A 68 -11.19 -2.41 27.55
CA PHE A 68 -12.30 -1.54 27.93
C PHE A 68 -13.44 -1.66 26.93
N THR A 69 -13.11 -1.85 25.65
CA THR A 69 -14.10 -2.02 24.58
C THR A 69 -14.47 -3.51 24.43
N GLN A 70 -13.85 -4.38 25.23
CA GLN A 70 -14.13 -5.82 25.28
C GLN A 70 -14.05 -6.43 23.87
N GLN A 71 -13.02 -6.06 23.12
CA GLN A 71 -12.78 -6.56 21.76
C GLN A 71 -11.68 -7.64 21.79
N LEU A 72 -10.61 -7.39 22.55
CA LEU A 72 -9.55 -8.37 22.82
C LEU A 72 -9.51 -8.65 24.31
N MET A 73 -9.20 -9.91 24.66
CA MET A 73 -9.05 -10.36 26.05
C MET A 73 -8.39 -11.75 26.03
N GLY A 74 -7.42 -11.98 26.92
CA GLY A 74 -6.75 -13.27 27.07
C GLY A 74 -5.24 -13.16 27.04
N CYS A 75 -4.74 -12.33 26.12
CA CYS A 75 -3.36 -11.85 26.12
C CYS A 75 -3.06 -11.29 27.52
N TRP A 76 -1.93 -11.71 28.11
CA TRP A 76 -1.61 -11.32 29.46
C TRP A 76 -1.75 -9.81 29.63
N ASN A 77 -1.11 -9.03 28.74
CA ASN A 77 -1.05 -7.57 28.86
C ASN A 77 -2.46 -6.98 28.89
N THR A 78 -3.34 -7.48 28.02
CA THR A 78 -4.70 -6.95 27.89
C THR A 78 -5.52 -7.29 29.14
N THR A 79 -5.42 -8.54 29.60
CA THR A 79 -6.23 -9.03 30.72
C THR A 79 -5.76 -8.40 32.05
N ASN A 80 -4.44 -8.36 32.25
CA ASN A 80 -3.84 -7.87 33.50
C ASN A 80 -4.17 -6.38 33.73
N TYR A 81 -4.08 -5.56 32.68
CA TYR A 81 -4.20 -4.11 32.83
C TYR A 81 -5.68 -3.72 32.70
N GLY A 82 -6.22 -3.79 31.48
CA GLY A 82 -7.59 -3.38 31.21
C GLY A 82 -8.61 -4.40 31.65
N GLY A 83 -8.26 -5.69 31.55
CA GLY A 83 -9.16 -6.79 31.89
C GLY A 83 -9.47 -6.89 33.38
N ARG A 84 -8.51 -6.49 34.23
CA ARG A 84 -8.65 -6.64 35.68
C ARG A 84 -8.37 -5.31 36.40
N HIS A 85 -8.55 -4.20 35.67
CA HIS A 85 -8.46 -2.82 36.17
C HIS A 85 -7.22 -2.65 37.04
N THR A 86 -6.05 -2.97 36.49
CA THR A 86 -4.78 -2.69 37.15
C THR A 86 -4.32 -1.31 36.68
N LEU A 87 -4.43 -0.33 37.59
CA LEU A 87 -3.98 1.04 37.33
C LEU A 87 -2.45 1.05 37.38
N ASP A 88 -1.83 1.54 36.30
CA ASP A 88 -0.41 1.80 36.21
C ASP A 88 -0.21 3.15 35.50
N ASN A 89 0.37 4.12 36.22
CA ASN A 89 0.51 5.49 35.73
C ASN A 89 1.41 5.53 34.47
N ASN A 90 2.48 4.74 34.47
CA ASN A 90 3.42 4.66 33.34
C ASN A 90 2.67 4.24 32.07
N GLU A 91 1.84 3.19 32.19
CA GLU A 91 1.04 2.67 31.07
C GLU A 91 -0.01 3.68 30.58
N MET A 92 -0.62 4.39 31.54
CA MET A 92 -1.70 5.32 31.25
C MET A 92 -1.18 6.61 30.59
N SER A 93 0.10 6.93 30.79
CA SER A 93 0.63 8.23 30.35
C SER A 93 1.35 8.12 28.99
N ARG A 94 1.24 6.97 28.32
CA ARG A 94 1.93 6.72 27.03
C ARG A 94 1.45 7.68 25.93
N ILE A 95 0.14 7.95 25.86
CA ILE A 95 -0.40 8.88 24.85
C ILE A 95 0.12 10.31 25.14
N TRP A 96 -0.03 10.75 26.39
CA TRP A 96 0.40 12.09 26.82
C TRP A 96 1.86 12.32 26.38
N THR A 97 2.75 11.45 26.88
CA THR A 97 4.20 11.57 26.74
C THR A 97 4.61 11.56 25.26
N SER A 98 4.12 10.54 24.55
CA SER A 98 4.44 10.35 23.14
C SER A 98 4.04 11.59 22.33
N PHE A 99 2.79 12.05 22.50
CA PHE A 99 2.22 13.11 21.66
C PHE A 99 2.85 14.47 22.01
N TYR A 100 3.03 14.77 23.30
CA TYR A 100 3.50 16.09 23.71
C TYR A 100 5.02 16.22 23.52
N THR A 101 5.75 15.10 23.43
CA THR A 101 7.21 15.16 23.21
C THR A 101 7.58 14.94 21.73
N GLN A 102 6.64 14.45 20.91
CA GLN A 102 6.97 14.13 19.51
C GLN A 102 5.92 14.70 18.56
N SER A 103 4.86 13.93 18.33
CA SER A 103 3.92 14.14 17.24
C SER A 103 3.33 15.56 17.29
N LEU A 104 2.65 15.89 18.40
CA LEU A 104 1.89 17.14 18.51
C LEU A 104 2.85 18.33 18.69
N LYS A 105 3.94 18.14 19.44
CA LYS A 105 4.97 19.17 19.63
C LYS A 105 5.49 19.64 18.25
N ASN A 106 5.86 18.67 17.40
CA ASN A 106 6.39 18.92 16.07
C ASN A 106 5.36 19.69 15.22
N ILE A 107 4.11 19.22 15.22
CA ILE A 107 3.05 19.80 14.38
C ILE A 107 2.71 21.22 14.88
N ILE A 108 2.68 21.41 16.20
CA ILE A 108 2.46 22.74 16.78
C ILE A 108 3.56 23.69 16.28
N ASP A 109 4.80 23.20 16.24
CA ASP A 109 5.93 24.02 15.81
C ASP A 109 5.78 24.37 14.32
N ALA A 110 5.42 23.36 13.51
CA ALA A 110 5.25 23.52 12.06
C ALA A 110 4.05 24.44 11.75
N GLN A 111 2.96 24.33 12.52
CA GLN A 111 1.79 25.18 12.35
C GLN A 111 2.19 26.64 12.59
N TYR A 112 3.00 26.85 13.63
CA TYR A 112 3.38 28.17 14.12
C TYR A 112 4.21 28.91 13.07
N ARG A 113 5.13 28.18 12.42
CA ARG A 113 6.08 28.77 11.50
C ARG A 113 5.44 29.06 10.13
N THR A 114 4.24 28.52 9.90
CA THR A 114 3.55 28.64 8.61
C THR A 114 2.27 29.48 8.73
N ALA A 115 1.94 29.96 9.94
CA ALA A 115 0.64 30.59 10.22
C ALA A 115 0.47 31.92 9.47
N GLU A 116 1.57 32.66 9.28
CA GLU A 116 1.54 34.06 8.83
C GLU A 116 2.09 34.18 7.39
N ASP A 117 2.16 33.04 6.69
CA ASP A 117 2.73 32.96 5.34
C ASP A 117 1.63 32.56 4.36
N ALA A 118 1.21 33.52 3.53
CA ALA A 118 0.06 33.35 2.63
C ALA A 118 0.40 32.39 1.48
N GLU A 119 1.69 32.10 1.29
CA GLU A 119 2.17 31.14 0.27
C GLU A 119 2.33 29.73 0.87
N LYS A 120 1.85 29.52 2.09
CA LYS A 120 1.94 28.20 2.75
C LYS A 120 0.63 27.87 3.49
N VAL A 121 -0.50 28.29 2.90
CA VAL A 121 -1.80 28.17 3.56
C VAL A 121 -2.28 26.71 3.52
N ASN A 122 -1.81 25.93 2.54
CA ASN A 122 -2.24 24.54 2.40
C ASN A 122 -1.55 23.67 3.46
N ILE A 123 -0.23 23.75 3.56
CA ILE A 123 0.49 22.97 4.58
C ILE A 123 0.06 23.44 5.96
N ASN A 124 -0.20 24.74 6.12
CA ASN A 124 -0.67 25.32 7.38
C ASN A 124 -2.04 24.74 7.74
N SER A 125 -2.99 24.77 6.80
CA SER A 125 -4.35 24.29 7.03
C SER A 125 -4.33 22.79 7.40
N VAL A 126 -3.51 22.03 6.68
CA VAL A 126 -3.39 20.59 6.88
C VAL A 126 -2.84 20.34 8.29
N LEU A 127 -1.80 21.07 8.68
CA LEU A 127 -1.19 20.92 10.01
C LEU A 127 -2.21 21.22 11.11
N ARG A 128 -3.05 22.24 10.88
CA ARG A 128 -4.10 22.65 11.83
C ARG A 128 -5.16 21.55 11.95
N ILE A 129 -5.47 20.86 10.84
CA ILE A 129 -6.46 19.79 10.86
C ILE A 129 -5.88 18.61 11.65
N TYR A 130 -4.61 18.29 11.40
CA TYR A 130 -3.99 17.14 12.05
C TYR A 130 -3.74 17.43 13.55
N ARG A 131 -3.43 18.68 13.89
CA ARG A 131 -3.28 19.10 15.29
C ARG A 131 -4.57 18.85 16.07
N VAL A 132 -5.71 19.18 15.44
CA VAL A 132 -7.03 18.91 15.98
C VAL A 132 -7.21 17.39 16.21
N TYR A 133 -6.90 16.60 15.18
CA TYR A 133 -7.06 15.14 15.28
C TYR A 133 -6.23 14.60 16.44
N LEU A 134 -4.94 14.95 16.50
CA LEU A 134 -4.04 14.44 17.53
C LEU A 134 -4.50 14.89 18.91
N MET A 135 -4.95 16.15 19.03
CA MET A 135 -5.39 16.73 20.31
C MET A 135 -6.68 16.04 20.78
N SER A 136 -7.50 15.57 19.83
CA SER A 136 -8.75 14.90 20.13
C SER A 136 -8.48 13.59 20.89
N ILE A 137 -7.38 12.92 20.53
CA ILE A 137 -7.00 11.66 21.15
C ILE A 137 -6.54 11.94 22.59
N ILE A 138 -5.84 13.06 22.79
CA ILE A 138 -5.36 13.42 24.13
C ILE A 138 -6.57 13.68 25.04
N THR A 139 -7.47 14.59 24.65
CA THR A 139 -8.54 15.04 25.54
C THR A 139 -9.58 13.92 25.75
N ASP A 140 -9.77 13.08 24.73
CA ASP A 140 -10.72 11.96 24.83
C ASP A 140 -10.15 10.85 25.72
N THR A 141 -8.86 10.94 26.06
CA THR A 141 -8.20 10.01 26.97
C THR A 141 -8.28 10.53 28.41
N TYR A 142 -7.82 11.77 28.62
CA TYR A 142 -7.51 12.31 29.95
C TYR A 142 -8.49 13.40 30.39
N GLY A 143 -9.12 14.10 29.45
CA GLY A 143 -10.00 15.23 29.76
C GLY A 143 -9.35 16.57 29.46
N ASP A 144 -9.37 17.48 30.45
CA ASP A 144 -8.73 18.78 30.33
C ASP A 144 -7.24 18.55 30.09
N ALA A 145 -6.66 19.31 29.15
CA ALA A 145 -5.27 19.14 28.79
C ALA A 145 -4.72 20.42 28.18
N PRO A 146 -3.38 20.62 28.19
CA PRO A 146 -2.75 21.71 27.43
C PRO A 146 -3.06 21.59 25.93
N PHE A 147 -3.47 22.71 25.33
CA PHE A 147 -3.71 22.78 23.90
C PHE A 147 -3.27 24.15 23.37
N SER A 148 -3.97 25.20 23.81
CA SER A 148 -3.70 26.57 23.38
C SER A 148 -2.27 26.97 23.77
N GLU A 149 -1.84 26.57 24.96
CA GLU A 149 -0.50 26.92 25.46
C GLU A 149 0.51 25.78 25.22
N ALA A 150 0.08 24.67 24.61
CA ALA A 150 0.93 23.47 24.42
C ALA A 150 2.06 23.75 23.41
N GLY A 151 3.24 23.19 23.70
CA GLY A 151 4.38 23.13 22.79
C GLY A 151 5.00 24.48 22.48
N LEU A 152 4.78 25.47 23.35
CA LEU A 152 5.25 26.83 23.15
C LEU A 152 6.46 27.12 24.07
N GLY A 153 7.30 26.10 24.27
CA GLY A 153 8.49 26.24 25.11
C GLY A 153 9.51 27.17 24.50
N PHE A 154 10.07 26.77 23.35
CA PHE A 154 11.18 27.46 22.69
C PHE A 154 10.67 28.59 21.77
N LEU A 155 9.37 28.61 21.48
CA LEU A 155 8.77 29.57 20.56
C LEU A 155 8.45 30.89 21.28
N GLU A 156 7.73 30.79 22.39
CA GLU A 156 7.22 31.95 23.13
C GLU A 156 7.83 32.03 24.55
N GLY A 157 8.78 31.12 24.86
CA GLY A 157 9.37 31.01 26.20
C GLY A 157 8.34 30.71 27.27
N LYS A 158 7.28 29.97 26.90
CA LYS A 158 6.11 29.69 27.76
C LYS A 158 6.06 28.19 28.08
N PHE A 159 6.65 27.83 29.23
CA PHE A 159 6.62 26.49 29.75
C PHE A 159 5.46 26.39 30.74
N ASN A 160 5.23 25.17 31.24
CA ASN A 160 4.20 24.89 32.23
C ASN A 160 2.84 25.31 31.69
N PRO A 161 2.43 24.80 30.50
CA PRO A 161 1.18 25.25 29.87
C PRO A 161 -0.05 24.84 30.69
N LYS A 162 -1.05 25.71 30.73
CA LYS A 162 -2.29 25.45 31.46
C LYS A 162 -3.05 24.33 30.74
N TYR A 163 -3.96 23.69 31.47
CA TYR A 163 -4.85 22.68 30.93
C TYR A 163 -6.14 23.37 30.48
N ASP A 164 -6.42 23.35 29.16
CA ASP A 164 -7.67 23.88 28.63
C ASP A 164 -8.82 22.94 29.04
N LYS A 165 -9.98 23.52 29.33
CA LYS A 165 -11.19 22.76 29.64
C LYS A 165 -11.61 21.95 28.41
N GLN A 166 -12.01 20.69 28.62
CA GLN A 166 -12.41 19.85 27.49
C GLN A 166 -13.45 20.56 26.63
N GLU A 167 -14.42 21.21 27.27
CA GLU A 167 -15.48 21.94 26.56
C GLU A 167 -14.86 22.96 25.59
N ASP A 168 -13.83 23.67 26.05
CA ASP A 168 -13.21 24.75 25.27
C ASP A 168 -12.35 24.16 24.16
N ILE A 169 -11.70 23.02 24.43
CA ILE A 169 -10.94 22.30 23.42
C ILE A 169 -11.86 21.95 22.24
N TYR A 170 -13.09 21.50 22.55
CA TYR A 170 -14.04 21.10 21.51
C TYR A 170 -14.54 22.33 20.74
N ASN A 171 -14.76 23.45 21.43
CA ASN A 171 -15.05 24.73 20.77
C ASN A 171 -13.96 25.04 19.74
N ALA A 172 -12.69 24.90 20.17
CA ALA A 172 -11.53 25.22 19.35
C ALA A 172 -11.44 24.27 18.15
N PHE A 173 -11.94 23.03 18.30
CA PHE A 173 -11.90 22.03 17.24
C PHE A 173 -12.78 22.49 16.07
N PHE A 174 -13.95 23.05 16.39
CA PHE A 174 -14.89 23.47 15.35
C PHE A 174 -14.37 24.72 14.64
N LEU A 175 -13.79 25.66 15.40
CA LEU A 175 -13.31 26.91 14.82
C LEU A 175 -12.07 26.64 13.95
N GLU A 176 -11.21 25.73 14.42
CA GLU A 176 -9.96 25.38 13.70
C GLU A 176 -10.28 24.64 12.41
N LEU A 177 -11.17 23.63 12.47
CA LEU A 177 -11.51 22.85 11.29
C LEU A 177 -12.23 23.73 10.27
N GLU A 178 -13.16 24.57 10.74
CA GLU A 178 -13.93 25.46 9.85
C GLU A 178 -12.98 26.40 9.11
N ASP A 179 -12.04 27.02 9.83
CA ASP A 179 -11.13 28.01 9.27
C ASP A 179 -10.12 27.34 8.34
N ALA A 180 -9.63 26.16 8.71
CA ALA A 180 -8.71 25.37 7.87
C ALA A 180 -9.34 25.11 6.51
N VAL A 181 -10.63 24.71 6.52
CA VAL A 181 -11.36 24.35 5.32
C VAL A 181 -11.46 25.59 4.41
N ASN A 182 -11.70 26.75 5.00
CA ASN A 182 -11.99 27.98 4.26
C ASN A 182 -10.71 28.61 3.72
N LYS A 183 -9.55 28.28 4.32
CA LYS A 183 -8.28 28.90 3.94
C LYS A 183 -7.53 28.02 2.93
N ILE A 184 -8.02 26.80 2.66
CA ILE A 184 -7.42 25.91 1.66
C ILE A 184 -7.66 26.51 0.28
N ASP A 185 -6.63 26.42 -0.59
CA ASP A 185 -6.60 27.08 -1.90
C ASP A 185 -5.65 26.31 -2.82
N PRO A 186 -6.16 25.45 -3.73
CA PRO A 186 -5.30 24.62 -4.59
C PRO A 186 -4.32 25.40 -5.48
N THR A 187 -4.52 26.71 -5.64
CA THR A 187 -3.63 27.54 -6.45
C THR A 187 -2.34 27.87 -5.69
N LYS A 188 -2.27 27.59 -4.38
CA LYS A 188 -1.13 28.01 -3.56
C LYS A 188 -0.14 26.82 -3.43
N ASP A 189 0.47 26.64 -2.26
CA ASP A 189 1.55 25.68 -2.04
C ASP A 189 1.07 24.23 -2.21
N LYS A 190 1.96 23.39 -2.74
CA LYS A 190 1.78 21.94 -2.85
C LYS A 190 2.20 21.27 -1.54
N VAL A 191 1.39 20.31 -1.08
CA VAL A 191 1.66 19.53 0.12
C VAL A 191 2.36 18.23 -0.30
N THR A 192 3.58 18.03 0.20
CA THR A 192 4.53 17.07 -0.36
C THR A 192 4.79 15.89 0.59
N GLY A 193 4.44 16.01 1.88
CA GLY A 193 4.82 15.02 2.90
C GLY A 193 3.66 14.18 3.43
N ASP A 194 2.51 14.21 2.73
CA ASP A 194 1.23 13.71 3.26
C ASP A 194 1.03 12.24 2.88
N LEU A 195 1.04 11.37 3.90
CA LEU A 195 0.90 9.92 3.72
C LEU A 195 -0.56 9.49 3.77
N ILE A 196 -1.49 10.44 3.94
CA ILE A 196 -2.92 10.12 3.99
C ILE A 196 -3.57 10.35 2.62
N TYR A 197 -3.40 11.56 2.06
CA TYR A 197 -4.07 11.96 0.80
C TYR A 197 -3.08 12.41 -0.28
N ALA A 198 -1.77 12.24 -0.05
CA ALA A 198 -0.71 12.68 -0.97
C ALA A 198 -0.88 14.14 -1.40
N GLY A 199 -1.39 15.00 -0.51
CA GLY A 199 -1.43 16.45 -0.72
C GLY A 199 -2.68 16.96 -1.43
N ASP A 200 -3.65 16.08 -1.68
CA ASP A 200 -4.94 16.47 -2.24
C ASP A 200 -5.72 17.25 -1.17
N VAL A 201 -5.73 18.59 -1.30
CA VAL A 201 -6.26 19.48 -0.27
C VAL A 201 -7.80 19.42 -0.24
N THR A 202 -8.41 19.00 -1.36
CA THR A 202 -9.86 18.80 -1.42
C THR A 202 -10.26 17.67 -0.47
N LYS A 203 -9.44 16.62 -0.39
CA LYS A 203 -9.72 15.51 0.49
C LYS A 203 -9.52 15.93 1.95
N TRP A 204 -8.51 16.77 2.20
CA TRP A 204 -8.30 17.34 3.55
C TRP A 204 -9.51 18.16 3.99
N GLN A 205 -10.18 18.85 3.05
CA GLN A 205 -11.43 19.56 3.35
C GLN A 205 -12.50 18.54 3.79
N GLN A 206 -12.63 17.46 3.01
CA GLN A 206 -13.59 16.40 3.28
C GLN A 206 -13.33 15.77 4.66
N LEU A 207 -12.04 15.56 4.99
CA LEU A 207 -11.67 15.00 6.30
C LEU A 207 -12.01 16.00 7.42
N ALA A 208 -11.60 17.25 7.26
CA ALA A 208 -11.86 18.27 8.29
C ALA A 208 -13.36 18.33 8.61
N ASN A 209 -14.21 18.33 7.58
CA ASN A 209 -15.65 18.43 7.76
C ASN A 209 -16.23 17.12 8.33
N SER A 210 -15.59 16.00 8.01
CA SER A 210 -15.97 14.70 8.58
C SER A 210 -15.59 14.67 10.07
N LEU A 211 -14.46 15.26 10.44
CA LEU A 211 -14.03 15.35 11.84
C LEU A 211 -15.00 16.25 12.62
N ARG A 212 -15.52 17.29 11.96
CA ARG A 212 -16.56 18.16 12.54
C ARG A 212 -17.80 17.31 12.86
N LEU A 213 -18.16 16.41 11.94
CA LEU A 213 -19.25 15.45 12.12
C LEU A 213 -19.01 14.60 13.38
N ARG A 214 -17.79 14.06 13.48
CA ARG A 214 -17.40 13.18 14.61
C ARG A 214 -17.55 13.92 15.94
N PHE A 215 -17.01 15.14 16.01
CA PHE A 215 -16.95 15.90 17.26
C PHE A 215 -18.33 16.47 17.60
N ALA A 216 -19.12 16.83 16.58
CA ALA A 216 -20.51 17.24 16.76
C ALA A 216 -21.29 16.12 17.47
N MET A 217 -21.14 14.88 16.99
CA MET A 217 -21.91 13.76 17.52
C MET A 217 -21.37 13.36 18.89
N ARG A 218 -20.09 13.63 19.14
CA ARG A 218 -19.47 13.35 20.43
C ARG A 218 -20.14 14.19 21.53
N ILE A 219 -20.43 15.46 21.22
CA ILE A 219 -20.97 16.40 22.21
C ILE A 219 -22.51 16.41 22.15
N SER A 220 -23.13 15.43 21.49
CA SER A 220 -24.55 15.45 21.19
C SER A 220 -25.41 15.18 22.44
N SER A 221 -24.81 14.61 23.51
CA SER A 221 -25.52 14.41 24.78
C SER A 221 -25.34 15.61 25.72
N VAL A 222 -24.13 16.19 25.75
CA VAL A 222 -23.80 17.22 26.73
C VAL A 222 -24.27 18.60 26.23
N ASN A 223 -24.30 18.80 24.92
CA ASN A 223 -24.73 20.08 24.34
C ASN A 223 -25.50 19.80 23.05
N PRO A 224 -26.74 19.26 23.13
CA PRO A 224 -27.51 18.86 21.95
C PRO A 224 -27.65 19.90 20.83
N THR A 225 -27.90 21.17 21.18
CA THR A 225 -28.19 22.21 20.17
C THR A 225 -26.90 22.58 19.40
N LYS A 226 -25.80 22.80 20.14
CA LYS A 226 -24.50 23.07 19.54
C LYS A 226 -24.12 21.89 18.62
N ALA A 227 -24.23 20.67 19.16
CA ALA A 227 -24.00 19.45 18.39
C ALA A 227 -24.70 19.54 17.03
N GLN A 228 -26.00 19.86 17.03
CA GLN A 228 -26.82 19.88 15.78
C GLN A 228 -26.32 20.96 14.83
N THR A 229 -26.08 22.16 15.35
CA THR A 229 -25.62 23.28 14.54
C THR A 229 -24.31 22.91 13.83
N GLU A 230 -23.34 22.41 14.62
CA GLU A 230 -21.99 22.10 14.13
C GLU A 230 -22.06 21.03 13.03
N PHE A 231 -22.90 20.02 13.26
CA PHE A 231 -23.12 18.93 12.33
C PHE A 231 -23.67 19.47 11.00
N GLU A 232 -24.69 20.33 11.08
CA GLU A 232 -25.36 20.87 9.91
C GLU A 232 -24.39 21.81 9.16
N ASN A 233 -23.66 22.65 9.91
CA ASN A 233 -22.65 23.57 9.34
C ASN A 233 -21.59 22.81 8.55
N ALA A 234 -21.16 21.66 9.08
CA ALA A 234 -20.13 20.80 8.49
C ALA A 234 -20.57 20.26 7.13
N LEU A 235 -21.83 19.80 7.06
CA LEU A 235 -22.39 19.29 5.80
C LEU A 235 -22.41 20.39 4.73
N ALA A 236 -22.61 21.65 5.15
CA ALA A 236 -22.76 22.79 4.23
C ALA A 236 -21.41 23.43 3.86
N ALA A 237 -20.31 23.02 4.50
CA ALA A 237 -19.00 23.67 4.35
C ALA A 237 -18.37 23.31 3.01
N ASN A 238 -17.34 24.08 2.63
CA ASN A 238 -16.64 23.92 1.35
C ASN A 238 -15.99 22.52 1.33
N GLY A 239 -16.16 21.83 0.20
CA GLY A 239 -15.60 20.50 -0.01
C GLY A 239 -16.55 19.38 0.37
N GLY A 240 -17.50 19.66 1.27
CA GLY A 240 -18.36 18.63 1.84
C GLY A 240 -17.56 17.69 2.72
N VAL A 241 -18.11 16.49 2.93
CA VAL A 241 -17.56 15.50 3.83
C VAL A 241 -17.15 14.26 3.01
N ILE A 242 -16.61 13.25 3.70
CA ILE A 242 -16.24 11.97 3.07
C ILE A 242 -17.52 11.18 2.77
N THR A 243 -17.85 11.06 1.48
CA THR A 243 -19.12 10.48 1.03
C THR A 243 -18.93 9.07 0.47
N ASP A 244 -17.68 8.67 0.16
CA ASP A 244 -17.41 7.25 -0.14
C ASP A 244 -15.95 6.92 0.22
N ALA A 245 -15.60 5.65 0.04
CA ALA A 245 -14.35 5.06 0.55
C ALA A 245 -13.11 5.68 -0.11
N SER A 246 -13.27 6.28 -1.30
CA SER A 246 -12.14 6.85 -2.06
C SER A 246 -11.50 8.04 -1.33
N SER A 247 -12.21 8.62 -0.35
CA SER A 247 -11.65 9.72 0.46
C SER A 247 -11.41 9.29 1.92
N ASP A 248 -11.44 7.97 2.22
CA ASP A 248 -11.12 7.48 3.56
C ASP A 248 -9.70 7.95 3.92
N ALA A 249 -9.53 8.39 5.17
CA ALA A 249 -8.26 8.92 5.67
C ALA A 249 -7.45 7.79 6.29
N LEU A 250 -6.52 7.22 5.50
CA LEU A 250 -5.71 6.10 5.95
C LEU A 250 -4.22 6.48 5.83
N ILE A 251 -3.50 6.38 6.95
CA ILE A 251 -2.05 6.59 6.98
C ILE A 251 -1.40 5.35 6.35
N LYS A 252 -0.64 5.55 5.27
CA LYS A 252 0.03 4.43 4.61
C LYS A 252 1.28 4.09 5.42
N TYR A 253 1.44 2.79 5.71
CA TYR A 253 2.58 2.27 6.45
C TYR A 253 3.36 1.31 5.56
N MET A 254 4.62 1.08 5.92
CA MET A 254 5.59 0.40 5.10
C MET A 254 5.64 -1.09 5.47
N THR A 255 5.96 -1.93 4.48
CA THR A 255 6.14 -3.34 4.66
C THR A 255 7.55 -3.56 5.20
N ILE A 256 7.65 -3.78 6.52
CA ILE A 256 8.89 -3.83 7.24
C ILE A 256 8.80 -4.95 8.27
N ALA A 257 9.94 -5.56 8.59
CA ALA A 257 10.01 -6.69 9.51
C ALA A 257 9.74 -6.19 10.94
N PHE A 258 9.02 -7.02 11.72
CA PHE A 258 8.78 -6.76 13.14
C PHE A 258 10.06 -7.04 13.90
N SER A 259 10.52 -6.04 14.67
CA SER A 259 11.67 -6.13 15.56
C SER A 259 11.32 -5.46 16.90
N PHE A 260 11.75 -6.06 18.00
CA PHE A 260 11.52 -5.48 19.34
C PHE A 260 12.85 -5.05 19.96
N GLY A 261 13.93 -5.03 19.17
CA GLY A 261 15.20 -4.44 19.56
C GLY A 261 15.06 -2.94 19.79
N GLN A 262 16.10 -2.32 20.37
CA GLN A 262 16.02 -0.92 20.83
C GLN A 262 15.80 0.02 19.64
N GLU A 263 16.38 -0.30 18.49
CA GLU A 263 16.28 0.54 17.28
C GLU A 263 14.81 0.72 16.87
N ALA A 264 13.98 -0.28 17.17
CA ALA A 264 12.58 -0.31 16.72
C ALA A 264 11.74 0.77 17.40
N TYR A 265 12.16 1.24 18.59
CA TYR A 265 11.36 2.18 19.39
C TYR A 265 11.55 3.63 18.88
N SER A 266 12.47 3.85 17.93
CA SER A 266 12.58 5.13 17.23
C SER A 266 12.32 4.94 15.72
N ASP A 267 11.67 3.83 15.36
CA ASP A 267 11.32 3.49 13.97
C ASP A 267 9.79 3.50 13.81
N TYR A 268 9.27 4.51 13.11
CA TYR A 268 7.83 4.77 13.05
C TYR A 268 7.26 4.37 11.68
N ARG A 269 8.05 3.70 10.84
CA ARG A 269 7.72 3.50 9.43
C ARG A 269 6.65 2.41 9.25
N GLY A 270 6.57 1.49 10.20
CA GLY A 270 5.61 0.40 10.18
C GLY A 270 4.49 0.64 11.19
N ASN A 271 3.34 0.01 10.95
CA ASN A 271 2.23 0.04 11.88
C ASN A 271 2.63 -0.78 13.11
N SER A 272 2.89 -0.06 14.22
CA SER A 272 3.41 -0.68 15.44
C SER A 272 2.28 -1.27 16.28
N LEU A 273 1.05 -0.81 16.07
CA LEU A 273 -0.11 -1.42 16.74
C LEU A 273 -0.27 -2.86 16.24
N SER A 274 -0.15 -3.05 14.92
CA SER A 274 -0.24 -4.38 14.32
C SER A 274 0.88 -5.29 14.85
N GLN A 275 2.08 -4.72 15.03
CA GLN A 275 3.25 -5.43 15.53
C GLN A 275 2.98 -5.95 16.96
N LEU A 276 2.30 -5.13 17.77
CA LEU A 276 2.03 -5.45 19.16
C LEU A 276 0.93 -6.50 19.27
N LEU A 277 -0.05 -6.45 18.37
CA LEU A 277 -1.16 -7.40 18.38
C LEU A 277 -0.66 -8.77 17.90
N PHE A 278 0.44 -8.78 17.15
CA PHE A 278 1.16 -10.01 16.88
C PHE A 278 1.89 -10.45 18.16
N GLY A 279 2.71 -9.55 18.72
CA GLY A 279 3.19 -9.68 20.09
C GLY A 279 4.69 -9.81 20.21
N ASN A 280 5.23 -9.20 21.27
CA ASN A 280 6.59 -9.43 21.76
C ASN A 280 6.73 -10.87 22.25
N ASP A 281 5.61 -11.45 22.71
CA ASP A 281 5.53 -12.80 23.26
C ASP A 281 4.42 -13.53 22.50
N PRO A 282 4.58 -13.74 21.18
CA PRO A 282 3.46 -14.06 20.29
C PRO A 282 2.84 -15.45 20.41
N ALA A 283 3.58 -16.43 20.94
CA ALA A 283 3.07 -17.79 21.06
C ALA A 283 2.31 -17.95 22.39
N ASN A 284 2.83 -17.35 23.47
CA ASN A 284 2.21 -17.40 24.79
C ASN A 284 1.09 -16.35 24.90
N ASN A 285 1.25 -15.21 24.22
CA ASN A 285 0.37 -14.06 24.42
C ASN A 285 0.05 -13.39 23.09
N PRO A 286 -0.69 -14.08 22.19
CA PRO A 286 -1.24 -13.47 20.98
C PRO A 286 -2.52 -12.69 21.30
N SER A 287 -3.12 -12.10 20.28
CA SER A 287 -4.36 -11.32 20.40
C SER A 287 -5.57 -12.27 20.35
N TYR A 288 -5.98 -12.78 21.51
CA TYR A 288 -7.21 -13.57 21.62
C TYR A 288 -8.41 -12.62 21.68
N LEU A 289 -9.49 -13.00 20.98
CA LEU A 289 -10.70 -12.19 20.98
C LEU A 289 -11.42 -12.33 22.32
N CYS A 290 -12.06 -11.24 22.73
CA CYS A 290 -12.96 -11.19 23.87
C CYS A 290 -14.34 -11.72 23.43
N SER A 291 -15.01 -12.42 24.34
CA SER A 291 -16.29 -13.09 24.06
C SER A 291 -17.35 -12.07 23.65
N THR A 292 -17.34 -10.88 24.25
CA THR A 292 -18.34 -9.87 23.93
C THR A 292 -18.33 -9.60 22.42
N PHE A 293 -17.13 -9.38 21.87
CA PHE A 293 -16.93 -9.04 20.47
C PHE A 293 -17.15 -10.26 19.58
N PHE A 294 -16.62 -11.42 19.98
CA PHE A 294 -16.74 -12.62 19.16
C PHE A 294 -18.22 -13.05 19.09
N ASN A 295 -18.89 -13.06 20.25
CA ASN A 295 -20.27 -13.48 20.33
C ASN A 295 -21.16 -12.52 19.54
N GLN A 296 -20.85 -11.21 19.58
CA GLN A 296 -21.59 -10.22 18.80
C GLN A 296 -21.60 -10.63 17.33
N LEU A 297 -20.40 -10.94 16.81
CA LEU A 297 -20.21 -11.31 15.42
C LEU A 297 -20.89 -12.65 15.15
N TYR A 298 -20.49 -13.68 15.90
CA TYR A 298 -20.97 -15.06 15.70
C TYR A 298 -22.50 -15.12 15.84
N ASN A 299 -23.05 -14.53 16.90
CA ASN A 299 -24.46 -14.69 17.25
C ASN A 299 -25.38 -13.86 16.32
N SER A 300 -24.81 -12.89 15.59
CA SER A 300 -25.59 -12.05 14.68
C SER A 300 -25.46 -12.56 13.23
N GLY A 301 -24.74 -13.65 13.02
CA GLY A 301 -24.51 -14.18 11.68
C GLY A 301 -23.70 -13.22 10.83
N ASP A 302 -22.86 -12.41 11.49
CA ASP A 302 -22.07 -11.36 10.87
C ASP A 302 -21.03 -12.01 9.94
N PRO A 303 -21.05 -11.67 8.63
CA PRO A 303 -20.07 -12.20 7.69
C PRO A 303 -18.60 -12.03 8.11
N ARG A 304 -18.30 -11.04 8.96
CA ARG A 304 -16.92 -10.67 9.34
C ARG A 304 -16.39 -11.56 10.48
N THR A 305 -17.23 -12.45 11.03
CA THR A 305 -16.83 -13.28 12.19
C THR A 305 -15.47 -13.95 11.94
N PHE A 306 -15.35 -14.64 10.79
CA PHE A 306 -14.16 -15.42 10.48
C PHE A 306 -13.33 -14.72 9.39
N LYS A 307 -13.55 -13.41 9.20
CA LYS A 307 -12.60 -12.55 8.52
C LYS A 307 -11.74 -11.83 9.57
N ILE A 308 -12.38 -11.44 10.69
CA ILE A 308 -11.72 -10.77 11.80
C ILE A 308 -10.97 -11.78 12.67
N SER A 309 -11.57 -12.94 12.92
CA SER A 309 -11.01 -13.94 13.84
C SER A 309 -10.87 -15.30 13.14
N ARG A 310 -9.87 -16.05 13.59
CA ARG A 310 -9.65 -17.45 13.20
C ARG A 310 -9.08 -18.19 14.41
N CYS A 311 -9.12 -19.52 14.36
CA CYS A 311 -8.46 -20.35 15.35
C CYS A 311 -7.20 -20.95 14.69
N TYR A 312 -6.05 -20.67 15.31
CA TYR A 312 -4.75 -21.04 14.79
C TYR A 312 -4.01 -21.94 15.78
N TYR A 313 -3.33 -22.97 15.24
CA TYR A 313 -2.25 -23.66 15.95
C TYR A 313 -0.92 -23.02 15.51
N ASP A 314 -0.11 -22.66 16.51
CA ASP A 314 1.06 -21.77 16.34
C ASP A 314 2.35 -22.50 16.75
N GLY A 315 2.30 -23.83 16.83
CA GLY A 315 3.45 -24.66 17.17
C GLY A 315 4.64 -24.39 16.26
N LEU A 316 4.35 -24.13 14.98
CA LEU A 316 5.37 -23.91 13.95
C LEU A 316 5.48 -22.43 13.55
N MET A 317 4.69 -21.57 14.19
CA MET A 317 4.63 -20.15 13.85
C MET A 317 6.01 -19.52 14.01
N SER A 318 6.37 -18.61 13.11
CA SER A 318 7.60 -17.84 13.21
C SER A 318 7.58 -16.99 14.48
N ALA A 319 8.77 -16.77 15.05
CA ALA A 319 8.93 -16.04 16.31
C ALA A 319 8.71 -14.53 16.13
N THR A 320 8.89 -14.02 14.91
CA THR A 320 8.86 -12.58 14.67
C THR A 320 7.90 -12.20 13.54
N SER A 321 7.05 -13.15 13.10
CA SER A 321 6.01 -12.84 12.11
C SER A 321 4.94 -13.93 12.14
N PRO A 322 3.71 -13.65 11.65
CA PRO A 322 2.61 -14.60 11.71
C PRO A 322 2.56 -15.60 10.55
N ASP A 323 3.72 -16.12 10.14
CA ASP A 323 3.85 -17.11 9.07
C ASP A 323 3.81 -18.52 9.68
N ASN A 324 3.28 -19.48 8.91
CA ASN A 324 3.32 -20.92 9.20
C ASN A 324 2.40 -21.26 10.39
N ARG A 325 1.30 -20.51 10.52
CA ARG A 325 0.24 -20.86 11.45
C ARG A 325 -0.67 -21.88 10.78
N VAL A 326 -1.22 -22.80 11.58
CA VAL A 326 -2.15 -23.81 11.08
C VAL A 326 -3.57 -23.34 11.40
N ASP A 327 -4.34 -23.07 10.35
CA ASP A 327 -5.72 -22.59 10.47
C ASP A 327 -6.66 -23.79 10.68
N ILE A 328 -7.23 -23.88 11.88
CA ILE A 328 -8.03 -25.03 12.30
C ILE A 328 -9.52 -24.66 12.36
N THR A 329 -9.88 -23.45 11.90
CA THR A 329 -11.22 -22.91 12.08
C THR A 329 -12.26 -23.86 11.44
N GLN A 330 -12.04 -24.20 10.15
CA GLN A 330 -13.01 -24.99 9.39
C GLN A 330 -13.10 -26.42 9.98
N GLU A 331 -11.96 -26.97 10.41
CA GLU A 331 -11.94 -28.28 11.07
C GLU A 331 -12.81 -28.26 12.33
N MET A 332 -12.69 -27.22 13.14
CA MET A 332 -13.44 -27.10 14.40
C MET A 332 -14.95 -27.07 14.10
N ILE A 333 -15.33 -26.36 13.03
CA ILE A 333 -16.74 -26.21 12.66
C ILE A 333 -17.28 -27.58 12.23
N GLU A 334 -16.52 -28.29 11.39
CA GLU A 334 -16.90 -29.61 10.85
C GLU A 334 -17.08 -30.62 11.99
N LYS A 335 -16.17 -30.63 12.96
CA LYS A 335 -16.20 -31.60 14.06
C LYS A 335 -17.17 -31.17 15.16
N GLY A 336 -17.66 -29.93 15.09
CA GLY A 336 -18.60 -29.37 16.05
C GLY A 336 -17.93 -29.01 17.37
N ILE A 337 -16.71 -28.45 17.28
CA ILE A 337 -15.93 -28.01 18.45
C ILE A 337 -16.39 -26.60 18.81
N ALA A 338 -16.66 -26.37 20.10
CA ALA A 338 -17.09 -25.07 20.60
C ALA A 338 -15.91 -24.09 20.59
N PHE A 339 -16.12 -22.94 19.94
CA PHE A 339 -15.25 -21.78 20.10
C PHE A 339 -15.39 -21.29 21.55
N SER A 340 -14.26 -20.94 22.18
CA SER A 340 -14.22 -20.54 23.60
C SER A 340 -13.54 -19.19 23.75
N PRO A 341 -14.18 -18.08 23.32
CA PRO A 341 -13.61 -16.76 23.51
C PRO A 341 -13.60 -16.32 24.98
N ARG A 342 -12.73 -15.35 25.30
CA ARG A 342 -12.40 -15.00 26.66
C ARG A 342 -13.40 -13.94 27.17
N ASP A 343 -14.10 -14.27 28.25
CA ASP A 343 -14.95 -13.31 28.93
C ASP A 343 -14.06 -12.21 29.51
N PRO A 344 -14.58 -10.98 29.70
CA PRO A 344 -13.80 -9.90 30.30
C PRO A 344 -13.25 -10.33 31.67
N GLY A 345 -11.93 -10.30 31.84
CA GLY A 345 -11.27 -10.69 33.10
C GLY A 345 -10.49 -11.98 32.98
N ALA A 346 -10.78 -12.78 31.93
CA ALA A 346 -10.16 -14.10 31.72
C ALA A 346 -8.82 -13.94 31.00
N TYR A 347 -7.85 -14.77 31.39
CA TYR A 347 -6.66 -15.04 30.59
C TYR A 347 -6.95 -16.21 29.65
N SER A 348 -6.04 -16.43 28.69
CA SER A 348 -6.10 -17.58 27.79
C SER A 348 -6.14 -18.88 28.59
N TRP A 349 -5.46 -18.89 29.76
CA TRP A 349 -5.25 -20.07 30.56
C TRP A 349 -6.23 -20.19 31.74
N GLU A 350 -7.07 -19.16 31.95
CA GLU A 350 -8.00 -19.10 33.10
C GLU A 350 -9.31 -18.45 32.66
N PRO A 351 -10.35 -19.26 32.40
CA PRO A 351 -10.38 -20.69 32.64
C PRO A 351 -9.75 -21.53 31.51
N TRP A 352 -9.10 -22.64 31.88
CA TRP A 352 -8.50 -23.54 30.91
C TRP A 352 -9.60 -24.14 30.06
N PRO A 353 -9.53 -24.01 28.71
CA PRO A 353 -10.61 -24.47 27.84
C PRO A 353 -10.58 -25.97 27.55
N THR A 354 -11.74 -26.49 27.11
CA THR A 354 -11.86 -27.83 26.54
C THR A 354 -11.43 -27.80 25.07
N GLY A 355 -10.48 -28.66 24.72
CA GLY A 355 -9.98 -28.79 23.37
C GLY A 355 -10.46 -30.07 22.70
N TYR A 356 -9.70 -30.50 21.68
CA TYR A 356 -9.97 -31.68 20.87
C TYR A 356 -8.67 -32.12 20.20
N ASP A 357 -8.73 -33.28 19.52
CA ASP A 357 -7.59 -33.81 18.75
C ASP A 357 -7.79 -33.46 17.27
N SER A 358 -6.79 -32.77 16.70
CA SER A 358 -6.84 -32.20 15.35
C SER A 358 -6.22 -33.17 14.36
N ASP A 359 -7.00 -33.58 13.35
CA ASP A 359 -6.54 -34.43 12.27
C ASP A 359 -5.48 -33.68 11.48
N ILE A 360 -5.72 -32.39 11.23
CA ILE A 360 -4.81 -31.54 10.47
C ILE A 360 -3.44 -31.55 11.15
N CYS A 361 -3.43 -31.35 12.47
CA CYS A 361 -2.17 -31.23 13.21
C CYS A 361 -1.49 -32.61 13.36
N ALA A 362 -2.30 -33.68 13.45
CA ALA A 362 -1.80 -35.05 13.56
C ALA A 362 -1.09 -35.44 12.26
N GLU A 363 -1.61 -34.97 11.12
CA GLU A 363 -1.02 -35.23 9.78
C GLU A 363 0.28 -34.45 9.61
N LEU A 364 0.31 -33.23 10.15
CA LEU A 364 1.44 -32.34 10.05
C LEU A 364 2.58 -32.83 10.96
N ALA A 365 2.22 -33.56 12.00
CA ALA A 365 3.15 -34.07 13.01
C ALA A 365 4.08 -35.14 12.42
N VAL A 366 3.61 -35.83 11.38
CA VAL A 366 4.33 -36.96 10.75
C VAL A 366 5.70 -36.48 10.25
N ASN A 367 5.74 -35.34 9.55
CA ASN A 367 6.99 -34.80 8.99
C ASN A 367 7.51 -33.63 9.83
N ASN A 368 6.73 -33.21 10.84
CA ASN A 368 7.13 -32.17 11.80
C ASN A 368 6.92 -32.72 13.21
N PRO A 369 7.90 -33.46 13.78
CA PRO A 369 7.65 -34.22 15.02
C PRO A 369 7.40 -33.34 16.26
N SER A 370 7.79 -32.06 16.20
CA SER A 370 7.56 -31.07 17.27
C SER A 370 6.07 -30.75 17.47
N VAL A 371 5.25 -31.01 16.44
CA VAL A 371 3.82 -30.70 16.47
C VAL A 371 3.10 -31.70 17.37
N THR A 372 2.10 -31.19 18.10
CA THR A 372 1.16 -31.98 18.87
C THR A 372 -0.22 -31.90 18.21
N ALA A 373 -1.05 -32.93 18.44
CA ALA A 373 -2.37 -33.03 17.85
C ALA A 373 -3.45 -32.51 18.80
N THR A 374 -3.16 -32.51 20.11
CA THR A 374 -4.13 -32.09 21.12
C THR A 374 -4.13 -30.56 21.19
N MET A 375 -5.27 -29.97 20.82
CA MET A 375 -5.49 -28.53 20.89
C MET A 375 -6.09 -28.22 22.26
N ALA A 376 -5.66 -27.09 22.85
CA ALA A 376 -6.23 -26.57 24.10
C ALA A 376 -6.71 -25.12 23.86
N ARG A 377 -5.79 -24.16 24.01
CA ARG A 377 -6.12 -22.73 23.92
C ARG A 377 -6.32 -22.31 22.45
N GLU A 378 -6.08 -23.23 21.51
CA GLU A 378 -6.24 -22.98 20.08
C GLU A 378 -7.73 -22.82 19.72
N VAL A 379 -8.63 -23.38 20.55
CA VAL A 379 -10.08 -23.27 20.35
C VAL A 379 -10.57 -21.88 20.78
N GLU A 380 -9.67 -21.03 21.29
CA GLU A 380 -9.99 -19.65 21.63
C GLU A 380 -9.70 -18.76 20.43
N PRO A 381 -10.73 -18.13 19.80
CA PRO A 381 -10.51 -17.35 18.58
C PRO A 381 -9.42 -16.29 18.77
N LYS A 382 -8.58 -16.13 17.73
CA LYS A 382 -7.49 -15.17 17.71
C LYS A 382 -7.71 -14.17 16.57
N LEU A 383 -7.04 -13.02 16.65
CA LEU A 383 -7.08 -12.02 15.61
C LEU A 383 -6.44 -12.59 14.34
N ALA A 384 -7.11 -12.38 13.19
CA ALA A 384 -6.71 -12.93 11.90
C ALA A 384 -5.40 -12.30 11.44
N ASN A 385 -4.65 -13.04 10.61
CA ASN A 385 -3.32 -12.64 10.14
C ASN A 385 -3.40 -11.31 9.37
N ASN A 386 -4.58 -11.04 8.78
CA ASN A 386 -4.83 -9.85 7.97
C ASN A 386 -4.58 -8.58 8.79
N PHE A 387 -4.75 -8.65 10.12
CA PHE A 387 -4.62 -7.50 10.99
C PHE A 387 -3.27 -7.51 11.75
N LEU A 388 -2.31 -8.30 11.26
CA LEU A 388 -1.02 -8.46 11.92
C LEU A 388 0.11 -8.12 10.94
N LYS A 389 -0.07 -7.05 10.18
CA LYS A 389 0.88 -6.64 9.14
C LYS A 389 1.37 -5.21 9.41
N SER A 390 2.65 -4.96 9.14
CA SER A 390 3.27 -3.66 9.35
C SER A 390 2.66 -2.61 8.40
N ASP A 391 2.12 -3.07 7.25
CA ASP A 391 1.54 -2.19 6.24
C ASP A 391 0.02 -2.09 6.37
N ASN A 392 -0.56 -2.59 7.47
CA ASN A 392 -1.94 -2.26 7.83
C ASN A 392 -2.07 -0.75 7.94
N PRO A 393 -3.11 -0.12 7.36
CA PRO A 393 -3.24 1.33 7.42
C PRO A 393 -3.47 1.77 8.86
N GLY A 394 -3.10 3.02 9.15
CA GLY A 394 -3.51 3.71 10.35
C GLY A 394 -4.79 4.48 10.08
N VAL A 395 -5.91 3.99 10.63
CA VAL A 395 -7.21 4.53 10.33
C VAL A 395 -7.38 5.84 11.12
N VAL A 396 -7.72 6.91 10.38
CA VAL A 396 -8.06 8.19 10.95
C VAL A 396 -9.58 8.33 10.96
N MET A 397 -10.19 8.24 9.77
CA MET A 397 -11.66 8.29 9.65
C MET A 397 -12.11 7.70 8.30
N THR A 398 -13.29 7.06 8.31
CA THR A 398 -13.84 6.37 7.15
C THR A 398 -15.20 6.95 6.76
N SER A 399 -15.60 6.69 5.51
CA SER A 399 -16.93 6.98 4.97
C SER A 399 -18.00 6.16 5.72
N ALA A 400 -17.62 4.96 6.18
CA ALA A 400 -18.50 4.08 6.93
C ALA A 400 -18.96 4.78 8.21
N GLU A 401 -17.99 5.36 8.94
CA GLU A 401 -18.27 6.13 10.14
C GLU A 401 -19.17 7.32 9.79
N VAL A 402 -18.92 7.97 8.66
CA VAL A 402 -19.70 9.13 8.29
C VAL A 402 -21.15 8.70 8.09
N LYS A 403 -21.35 7.53 7.46
CA LYS A 403 -22.69 6.99 7.21
C LYS A 403 -23.41 6.76 8.55
N PHE A 404 -22.67 6.31 9.56
CA PHE A 404 -23.23 5.99 10.87
C PHE A 404 -23.59 7.27 11.63
N LEU A 405 -22.71 8.28 11.56
CA LEU A 405 -22.95 9.59 12.19
C LEU A 405 -24.20 10.23 11.58
N MET A 406 -24.33 10.12 10.25
CA MET A 406 -25.47 10.64 9.48
C MET A 406 -26.76 9.91 9.89
N ALA A 407 -26.68 8.59 10.05
CA ALA A 407 -27.82 7.79 10.49
C ALA A 407 -28.31 8.27 11.86
N GLU A 408 -27.36 8.43 12.80
CA GLU A 408 -27.65 8.81 14.16
C GLU A 408 -28.25 10.22 14.16
N ALA A 409 -27.72 11.10 13.30
CA ALA A 409 -28.21 12.48 13.16
C ALA A 409 -29.68 12.49 12.73
N THR A 410 -30.02 11.62 11.77
CA THR A 410 -31.35 11.53 11.21
C THR A 410 -32.34 11.00 12.25
N VAL A 411 -31.89 10.09 13.12
CA VAL A 411 -32.73 9.56 14.22
C VAL A 411 -33.00 10.66 15.25
N LYS A 412 -32.02 11.54 15.47
CA LYS A 412 -32.15 12.67 16.40
C LYS A 412 -32.97 13.81 15.76
N LYS A 413 -33.34 13.63 14.47
CA LYS A 413 -34.24 14.50 13.73
C LYS A 413 -33.53 15.83 13.43
N TRP A 414 -32.25 15.74 13.08
CA TRP A 414 -31.49 16.85 12.55
C TRP A 414 -31.74 16.91 11.03
N ASN A 415 -31.44 18.06 10.43
CA ASN A 415 -31.73 18.34 9.03
C ASN A 415 -30.46 18.12 8.22
N VAL A 416 -30.24 16.85 7.82
CA VAL A 416 -28.97 16.41 7.26
C VAL A 416 -29.17 15.79 5.87
N GLY A 417 -30.33 16.05 5.25
CA GLY A 417 -30.58 15.62 3.87
C GLY A 417 -31.83 14.76 3.76
N SER A 418 -31.97 14.09 2.60
CA SER A 418 -33.22 13.44 2.20
C SER A 418 -33.17 11.92 2.39
N VAL A 419 -31.98 11.38 2.69
CA VAL A 419 -31.81 9.92 2.80
C VAL A 419 -32.39 9.45 4.15
N SER A 420 -33.03 8.28 4.15
CA SER A 420 -33.58 7.69 5.38
C SER A 420 -32.44 7.21 6.29
N ALA A 421 -32.71 7.21 7.60
CA ALA A 421 -31.76 6.72 8.60
C ALA A 421 -31.36 5.29 8.25
N GLU A 422 -32.36 4.43 8.01
CA GLU A 422 -32.16 3.03 7.69
C GLU A 422 -31.20 2.85 6.51
N ASP A 423 -31.43 3.62 5.44
CA ASP A 423 -30.63 3.52 4.23
C ASP A 423 -29.19 3.93 4.55
N LEU A 424 -29.03 4.99 5.35
CA LEU A 424 -27.71 5.45 5.79
C LEU A 424 -27.03 4.36 6.62
N TYR A 425 -27.77 3.80 7.58
CA TYR A 425 -27.30 2.69 8.40
C TYR A 425 -26.83 1.54 7.50
N LYS A 426 -27.72 1.11 6.60
CA LYS A 426 -27.44 0.03 5.65
C LYS A 426 -26.15 0.33 4.86
N GLN A 427 -26.00 1.58 4.42
CA GLN A 427 -24.84 2.01 3.64
C GLN A 427 -23.56 1.98 4.48
N GLY A 428 -23.68 2.29 5.78
CA GLY A 428 -22.54 2.30 6.71
C GLY A 428 -22.04 0.91 7.03
N VAL A 429 -22.97 -0.01 7.26
CA VAL A 429 -22.66 -1.41 7.55
C VAL A 429 -21.95 -2.02 6.33
N ARG A 430 -22.45 -1.69 5.14
CA ARG A 430 -21.92 -2.19 3.88
C ARG A 430 -20.47 -1.71 3.71
N ALA A 431 -20.26 -0.41 3.91
CA ALA A 431 -18.93 0.19 3.78
C ALA A 431 -17.98 -0.39 4.84
N ALA A 432 -18.53 -0.72 6.02
CA ALA A 432 -17.75 -1.25 7.13
C ALA A 432 -17.30 -2.69 6.81
N ILE A 433 -18.17 -3.46 6.16
CA ILE A 433 -17.84 -4.83 5.72
C ILE A 433 -16.80 -4.76 4.60
N ASP A 434 -17.01 -3.84 3.64
CA ASP A 434 -16.17 -3.73 2.44
C ASP A 434 -14.79 -3.14 2.80
N PHE A 435 -14.73 -2.35 3.88
CA PHE A 435 -13.48 -1.80 4.43
C PHE A 435 -12.44 -2.92 4.63
N LEU A 436 -12.89 -4.08 5.12
CA LEU A 436 -12.01 -5.21 5.41
C LEU A 436 -11.48 -5.83 4.11
N THR A 437 -12.31 -5.82 3.07
CA THR A 437 -11.95 -6.36 1.76
C THR A 437 -10.91 -5.46 1.09
N ASP A 438 -11.14 -4.15 1.13
CA ASP A 438 -10.38 -3.14 0.38
C ASP A 438 -9.03 -2.85 1.03
N ASN A 439 -8.93 -3.01 2.35
CA ASN A 439 -7.76 -2.50 3.09
C ASN A 439 -7.01 -3.60 3.85
N TYR A 440 -7.63 -4.79 4.03
CA TYR A 440 -6.97 -5.85 4.79
C TYR A 440 -6.95 -7.17 4.01
N GLY A 441 -7.30 -7.13 2.72
CA GLY A 441 -7.29 -8.32 1.85
C GLY A 441 -8.13 -9.47 2.40
N CYS A 442 -9.20 -9.14 3.15
CA CYS A 442 -10.16 -10.14 3.62
C CYS A 442 -11.02 -10.58 2.43
N THR A 443 -11.54 -11.82 2.50
CA THR A 443 -12.44 -12.37 1.48
C THR A 443 -13.60 -11.38 1.28
N ALA A 444 -14.03 -11.22 0.02
CA ALA A 444 -15.14 -10.34 -0.30
C ALA A 444 -16.42 -10.91 0.31
N THR A 445 -17.32 -10.03 0.72
CA THR A 445 -18.66 -10.40 1.20
C THR A 445 -19.66 -10.14 0.06
N THR A 446 -20.37 -11.19 -0.35
CA THR A 446 -21.28 -11.13 -1.50
C THR A 446 -22.55 -10.37 -1.11
N ASP A 447 -23.27 -9.87 -2.11
CA ASP A 447 -24.55 -9.18 -1.94
C ASP A 447 -25.52 -10.07 -1.16
N ALA A 448 -25.61 -11.34 -1.55
CA ALA A 448 -26.55 -12.30 -0.93
C ALA A 448 -26.20 -12.47 0.55
N GLU A 449 -24.90 -12.59 0.84
CA GLU A 449 -24.40 -12.72 2.21
C GLU A 449 -24.75 -11.47 3.03
N PHE A 450 -24.55 -10.29 2.43
CA PHE A 450 -24.83 -9.02 3.10
C PHE A 450 -26.33 -8.88 3.36
N ASP A 451 -27.14 -9.24 2.35
CA ASP A 451 -28.60 -9.12 2.42
C ASP A 451 -29.16 -10.06 3.51
N ALA A 452 -28.58 -11.25 3.67
CA ALA A 452 -29.05 -12.22 4.65
C ALA A 452 -28.85 -11.66 6.05
N PHE A 453 -27.66 -11.11 6.27
CA PHE A 453 -27.28 -10.49 7.53
C PHE A 453 -28.18 -9.27 7.81
N ILE A 454 -28.30 -8.35 6.84
CA ILE A 454 -28.91 -7.05 7.09
C ILE A 454 -30.43 -7.20 7.26
N GLN A 455 -31.03 -8.21 6.62
CA GLN A 455 -32.48 -8.46 6.71
C GLN A 455 -32.83 -9.26 7.98
N ASP A 456 -31.82 -9.78 8.68
CA ASP A 456 -32.02 -10.57 9.89
C ASP A 456 -31.41 -9.82 11.08
N LYS A 457 -30.39 -10.40 11.73
CA LYS A 457 -29.94 -9.97 13.06
C LYS A 457 -29.03 -8.74 12.96
N GLY A 458 -28.68 -8.32 11.72
CA GLY A 458 -27.98 -7.06 11.48
C GLY A 458 -28.92 -5.92 11.12
N ALA A 459 -30.23 -6.14 11.27
CA ALA A 459 -31.24 -5.18 10.80
C ALA A 459 -31.22 -3.92 11.68
N PHE A 460 -31.70 -2.81 11.10
CA PHE A 460 -31.88 -1.54 11.78
C PHE A 460 -32.99 -1.70 12.83
N GLY A 461 -33.02 -0.80 13.81
CA GLY A 461 -34.09 -0.81 14.81
C GLY A 461 -35.42 -0.29 14.26
N HIS A 462 -36.47 -0.37 15.08
CA HIS A 462 -37.73 0.34 14.83
C HIS A 462 -37.85 1.56 15.75
N THR A 463 -37.66 1.34 17.06
CA THR A 463 -37.68 2.42 18.03
C THR A 463 -36.36 3.19 17.96
N ASP A 464 -36.37 4.40 18.51
CA ASP A 464 -35.21 5.26 18.50
C ASP A 464 -34.04 4.54 19.18
N ASN A 465 -34.26 3.99 20.38
CA ASN A 465 -33.21 3.35 21.17
C ASN A 465 -32.62 2.15 20.41
N GLN A 466 -33.47 1.37 19.76
CA GLN A 466 -33.01 0.21 18.97
C GLN A 466 -32.12 0.68 17.82
N LYS A 467 -32.46 1.80 17.20
CA LYS A 467 -31.72 2.33 16.06
C LYS A 467 -30.33 2.81 16.51
N LEU A 468 -30.29 3.59 17.60
CA LEU A 468 -29.05 4.12 18.17
C LEU A 468 -28.14 2.96 18.57
N GLU A 469 -28.75 1.89 19.13
CA GLU A 469 -28.04 0.70 19.56
C GLU A 469 -27.38 0.05 18.35
N ALA A 470 -28.17 -0.16 17.30
CA ALA A 470 -27.72 -0.83 16.08
C ALA A 470 -26.59 -0.01 15.44
N ILE A 471 -26.80 1.30 15.31
CA ILE A 471 -25.82 2.18 14.70
C ILE A 471 -24.49 2.02 15.43
N ASN A 472 -24.52 2.16 16.76
CA ASN A 472 -23.30 2.31 17.53
C ASN A 472 -22.67 0.95 17.84
N THR A 473 -23.44 -0.13 17.81
CA THR A 473 -22.87 -1.50 17.87
C THR A 473 -22.09 -1.75 16.57
N GLN A 474 -22.67 -1.34 15.45
CA GLN A 474 -22.04 -1.51 14.15
C GLN A 474 -20.80 -0.62 14.03
N ALA A 475 -20.85 0.58 14.61
CA ALA A 475 -19.69 1.48 14.64
C ALA A 475 -18.57 0.84 15.45
N TRP A 476 -18.95 0.24 16.58
CA TRP A 476 -18.06 -0.50 17.47
C TRP A 476 -17.21 -1.49 16.65
N ILE A 477 -17.85 -2.29 15.80
CA ILE A 477 -17.15 -3.29 15.00
C ILE A 477 -16.20 -2.58 14.03
N LEU A 478 -16.72 -1.56 13.33
CA LEU A 478 -15.95 -0.78 12.34
C LEU A 478 -14.67 -0.22 12.98
N HIS A 479 -14.79 0.29 14.22
CA HIS A 479 -13.71 1.01 14.87
C HIS A 479 -12.67 0.07 15.49
N PHE A 480 -12.79 -1.25 15.27
CA PHE A 480 -11.86 -2.22 15.86
C PHE A 480 -10.39 -1.85 15.56
N THR A 481 -10.09 -1.35 14.35
CA THR A 481 -8.70 -1.00 13.97
C THR A 481 -8.40 0.47 14.29
N ASN A 482 -9.37 1.17 14.91
CA ASN A 482 -9.21 2.55 15.37
C ASN A 482 -9.56 2.61 16.85
N PRO A 483 -8.77 1.95 17.74
CA PRO A 483 -9.16 1.81 19.14
C PRO A 483 -9.35 3.13 19.89
N ALA A 484 -8.57 4.16 19.55
CA ALA A 484 -8.79 5.50 20.10
C ALA A 484 -10.27 5.89 19.94
N GLU A 485 -10.76 5.79 18.70
CA GLU A 485 -12.11 6.22 18.36
C GLU A 485 -13.15 5.23 18.92
N CYS A 486 -12.79 3.94 18.93
CA CYS A 486 -13.64 2.87 19.41
C CYS A 486 -14.04 3.13 20.86
N TRP A 487 -13.06 3.47 21.70
CA TRP A 487 -13.30 3.71 23.12
C TRP A 487 -14.09 5.01 23.30
N ALA A 488 -13.71 6.05 22.58
CA ALA A 488 -14.40 7.34 22.69
C ALA A 488 -15.90 7.13 22.44
N ASN A 489 -16.25 6.35 21.41
CA ASN A 489 -17.65 6.25 20.94
C ASN A 489 -18.47 5.31 21.82
N VAL A 490 -17.85 4.27 22.40
CA VAL A 490 -18.53 3.38 23.32
C VAL A 490 -18.97 4.20 24.54
N ARG A 491 -18.06 5.04 25.05
CA ARG A 491 -18.32 5.86 26.23
C ARG A 491 -19.41 6.89 25.92
N ARG A 492 -19.30 7.53 24.75
CA ARG A 492 -20.19 8.60 24.32
C ARG A 492 -21.60 8.05 24.06
N SER A 493 -21.71 7.00 23.22
CA SER A 493 -22.99 6.45 22.78
C SER A 493 -23.63 5.55 23.86
N GLY A 494 -22.80 4.95 24.71
CA GLY A 494 -23.24 3.97 25.72
C GLY A 494 -23.53 2.61 25.10
N TYR A 495 -23.10 2.41 23.85
CA TYR A 495 -23.33 1.17 23.11
C TYR A 495 -22.00 0.63 22.61
N PRO A 496 -21.79 -0.70 22.65
CA PRO A 496 -22.73 -1.64 23.25
C PRO A 496 -22.73 -1.51 24.78
N LYS A 497 -23.77 -2.04 25.43
CA LYS A 497 -23.85 -2.14 26.88
C LYS A 497 -22.82 -3.16 27.36
N LEU A 498 -21.76 -2.68 28.01
CA LEU A 498 -20.71 -3.56 28.56
C LEU A 498 -20.91 -3.70 30.07
N LYS A 499 -20.49 -4.86 30.60
CA LYS A 499 -20.56 -5.19 32.02
C LYS A 499 -19.14 -5.36 32.56
N SER A 500 -18.99 -5.07 33.85
CA SER A 500 -17.71 -5.22 34.56
C SER A 500 -17.22 -6.65 34.49
N PRO A 501 -15.89 -6.88 34.47
CA PRO A 501 -15.33 -8.22 34.65
C PRO A 501 -15.84 -8.92 35.92
N ALA A 502 -16.28 -8.11 36.89
CA ALA A 502 -16.88 -8.57 38.14
C ALA A 502 -18.05 -9.53 37.86
N GLU A 503 -18.84 -9.22 36.83
CA GLU A 503 -20.06 -9.96 36.53
C GLU A 503 -19.73 -11.27 35.79
N TYR A 504 -18.46 -11.45 35.41
CA TYR A 504 -17.98 -12.66 34.76
C TYR A 504 -17.16 -13.51 35.73
N GLY A 505 -17.12 -13.12 37.01
CA GLY A 505 -16.54 -13.89 38.11
C GLY A 505 -15.09 -13.52 38.43
N PHE A 506 -14.65 -12.33 38.01
CA PHE A 506 -13.24 -11.93 38.15
C PHE A 506 -13.10 -10.75 39.13
N GLY A 507 -14.14 -10.52 39.94
CA GLY A 507 -14.22 -9.37 40.85
C GLY A 507 -13.11 -9.37 41.90
N GLN A 508 -12.61 -10.56 42.26
CA GLN A 508 -11.62 -10.68 43.32
C GLN A 508 -10.30 -9.99 42.93
N TYR A 509 -10.04 -9.80 41.62
CA TYR A 509 -8.76 -9.30 41.10
C TYR A 509 -8.76 -7.79 40.78
N LEU A 510 -9.89 -7.11 40.98
CA LEU A 510 -10.05 -5.72 40.49
C LEU A 510 -9.54 -4.70 41.51
N THR A 511 -8.23 -4.45 41.49
CA THR A 511 -7.55 -3.53 42.42
C THR A 511 -8.02 -2.09 42.20
N GLY A 512 -8.36 -1.74 40.95
CA GLY A 512 -8.70 -0.37 40.56
C GLY A 512 -10.20 -0.12 40.52
N GLY A 513 -10.99 -1.01 41.12
CA GLY A 513 -12.44 -0.83 41.25
C GLY A 513 -13.24 -1.68 40.29
N THR A 514 -14.56 -1.67 40.47
CA THR A 514 -15.48 -2.55 39.79
C THR A 514 -15.74 -2.04 38.36
N GLU A 515 -16.02 -0.73 38.24
CA GLU A 515 -16.56 -0.18 37.01
C GLU A 515 -15.45 -0.01 35.98
N ILE A 516 -15.79 -0.27 34.71
CA ILE A 516 -14.85 -0.13 33.61
C ILE A 516 -14.45 1.35 33.55
N PRO A 517 -13.14 1.67 33.66
CA PRO A 517 -12.70 3.06 33.63
C PRO A 517 -13.23 3.79 32.38
N VAL A 518 -13.49 5.09 32.54
CA VAL A 518 -14.11 5.94 31.53
C VAL A 518 -13.16 7.09 31.14
N ARG A 519 -11.97 7.10 31.74
CA ARG A 519 -10.84 7.94 31.33
C ARG A 519 -9.56 7.32 31.90
N LEU A 520 -8.41 7.96 31.61
CA LEU A 520 -7.12 7.63 32.25
C LEU A 520 -6.65 8.84 33.05
N CYS A 521 -5.93 8.56 34.15
CA CYS A 521 -5.42 9.59 35.05
C CYS A 521 -4.25 10.32 34.39
N TYR A 522 -3.93 11.52 34.90
CA TYR A 522 -2.84 12.33 34.36
C TYR A 522 -1.50 11.71 34.73
N PRO A 523 -0.45 11.98 33.92
CA PRO A 523 0.90 11.51 34.24
C PRO A 523 1.44 12.07 35.56
N VAL A 524 2.16 11.24 36.31
CA VAL A 524 2.84 11.67 37.52
C VAL A 524 3.83 12.80 37.17
N LEU A 525 4.49 12.67 36.01
CA LEU A 525 5.38 13.71 35.45
C LEU A 525 4.70 15.09 35.54
N GLU A 526 3.41 15.15 35.22
CA GLU A 526 2.66 16.40 35.19
C GLU A 526 2.45 16.94 36.62
N SER A 527 2.09 16.06 37.55
CA SER A 527 1.88 16.47 38.94
C SER A 527 3.23 16.85 39.60
N SER A 528 4.34 16.34 39.05
CA SER A 528 5.69 16.65 39.54
C SER A 528 6.24 17.96 38.96
N TYR A 529 6.19 18.13 37.63
CA TYR A 529 6.96 19.19 36.92
C TYR A 529 6.05 20.26 36.27
N ASN A 530 4.72 20.08 36.28
CA ASN A 530 3.77 21.07 35.78
C ASN A 530 2.69 21.30 36.85
N LYS A 531 3.16 21.57 38.07
CA LYS A 531 2.41 21.41 39.32
C LYS A 531 1.21 22.38 39.38
N LYS A 532 1.45 23.66 39.10
CA LYS A 532 0.42 24.71 39.22
C LYS A 532 -0.74 24.43 38.25
N SER A 533 -0.41 24.11 36.99
CA SER A 533 -1.38 23.82 35.95
C SER A 533 -2.18 22.55 36.28
N TYR A 534 -1.48 21.52 36.79
CA TYR A 534 -2.08 20.25 37.19
C TYR A 534 -3.11 20.47 38.31
N ASN A 535 -2.71 21.21 39.35
CA ASN A 535 -3.56 21.53 40.51
C ASN A 535 -4.82 22.29 40.07
N GLU A 536 -4.65 23.18 39.10
CA GLU A 536 -5.74 23.97 38.55
C GLU A 536 -6.75 23.02 37.89
N ALA A 537 -6.24 22.01 37.16
CA ALA A 537 -7.06 21.07 36.42
C ALA A 537 -7.85 20.16 37.38
N ILE A 538 -7.19 19.59 38.40
CA ILE A 538 -7.83 18.64 39.31
C ILE A 538 -8.80 19.37 40.26
N GLU A 539 -8.56 20.66 40.52
CA GLU A 539 -9.50 21.51 41.28
C GLU A 539 -10.90 21.45 40.64
N ARG A 540 -10.96 21.35 39.30
CA ARG A 540 -12.23 21.33 38.55
C ARG A 540 -12.95 19.98 38.72
N MET A 541 -12.23 18.94 39.17
CA MET A 541 -12.81 17.62 39.48
C MET A 541 -12.83 17.37 41.00
N GLY A 542 -13.01 18.43 41.79
CA GLY A 542 -13.08 18.32 43.26
C GLY A 542 -11.84 17.68 43.87
N GLY A 543 -10.68 17.95 43.26
CA GLY A 543 -9.38 17.51 43.78
C GLY A 543 -9.04 16.07 43.40
N THR A 544 -9.93 15.40 42.66
CA THR A 544 -9.72 14.02 42.25
C THR A 544 -8.93 14.00 40.94
N ASP A 545 -8.32 12.85 40.66
CA ASP A 545 -7.70 12.54 39.37
C ASP A 545 -7.78 11.02 39.23
N ASN A 546 -9.00 10.58 38.89
CA ASN A 546 -9.50 9.25 39.07
C ASN A 546 -9.97 8.71 37.71
N TRP A 547 -9.78 7.41 37.44
CA TRP A 547 -10.15 6.88 36.12
C TRP A 547 -11.63 6.44 36.06
N HIS A 548 -12.41 6.71 37.13
CA HIS A 548 -13.88 6.50 37.12
C HIS A 548 -14.67 7.82 36.93
N SER A 549 -13.96 8.96 36.86
CA SER A 549 -14.58 10.28 36.61
C SER A 549 -14.90 10.43 35.12
N LEU A 550 -16.19 10.63 34.81
CA LEU A 550 -16.63 10.84 33.43
C LEU A 550 -16.02 12.14 32.88
N LEU A 551 -15.56 12.07 31.61
CA LEU A 551 -15.16 13.22 30.85
C LEU A 551 -16.40 14.08 30.55
N TRP A 552 -16.14 15.35 30.24
CA TRP A 552 -17.18 16.33 30.04
C TRP A 552 -18.19 15.90 28.96
N TRP A 553 -17.74 15.22 27.89
CA TRP A 553 -18.68 14.83 26.81
C TRP A 553 -19.42 13.52 27.13
N ASP A 554 -18.99 12.81 28.19
CA ASP A 554 -19.53 11.51 28.57
C ASP A 554 -20.53 11.71 29.73
N THR A 555 -21.82 11.70 29.43
CA THR A 555 -22.86 12.15 30.37
C THR A 555 -23.30 11.04 31.33
N GLU A 556 -23.01 9.77 31.01
CA GLU A 556 -23.34 8.65 31.91
C GLU A 556 -22.44 7.43 31.64
N ASN A 557 -22.33 6.57 32.67
CA ASN A 557 -21.52 5.34 32.63
C ASN A 557 -22.03 4.42 31.52
N ASP B 39 6.42 -27.81 -1.84
CA ASP B 39 5.11 -27.14 -1.56
C ASP B 39 4.83 -26.11 -2.65
N PRO B 40 3.79 -26.32 -3.51
CA PRO B 40 3.55 -25.45 -4.66
C PRO B 40 3.25 -23.97 -4.31
N ASN B 41 2.62 -23.74 -3.16
CA ASN B 41 2.24 -22.41 -2.72
C ASN B 41 3.49 -21.58 -2.37
N ALA B 42 4.49 -22.23 -1.79
CA ALA B 42 5.75 -21.58 -1.45
C ALA B 42 6.58 -21.34 -2.72
N GLN B 43 6.47 -22.25 -3.69
CA GLN B 43 7.13 -22.11 -4.99
C GLN B 43 6.64 -20.84 -5.69
N LEU B 44 5.35 -20.54 -5.55
CA LEU B 44 4.75 -19.33 -6.12
C LEU B 44 5.39 -18.09 -5.49
N THR B 45 5.52 -18.10 -4.15
CA THR B 45 6.08 -16.98 -3.39
C THR B 45 7.49 -16.66 -3.88
N THR B 46 8.33 -17.69 -3.97
CA THR B 46 9.72 -17.52 -4.32
C THR B 46 9.78 -16.95 -5.76
N ALA B 47 9.00 -17.51 -6.67
CA ALA B 47 9.00 -17.12 -8.08
C ALA B 47 8.50 -15.67 -8.24
N GLN B 48 7.47 -15.30 -7.48
CA GLN B 48 6.96 -13.94 -7.51
C GLN B 48 8.08 -12.98 -7.10
N LEU B 49 8.75 -13.27 -5.99
CA LEU B 49 9.79 -12.39 -5.43
C LEU B 49 10.98 -12.28 -6.38
N GLN B 50 11.27 -13.38 -7.10
CA GLN B 50 12.42 -13.50 -8.00
C GLN B 50 12.27 -12.56 -9.20
N THR B 51 11.03 -12.20 -9.52
CA THR B 51 10.67 -11.46 -10.72
C THR B 51 11.35 -10.08 -10.72
N TYR B 52 11.27 -9.37 -9.59
CA TYR B 52 11.94 -8.08 -9.44
C TYR B 52 13.02 -8.13 -8.34
N GLY B 53 13.09 -9.23 -7.57
CA GLY B 53 13.94 -9.31 -6.38
C GLY B 53 15.35 -9.81 -6.66
N ASP B 54 15.58 -10.39 -7.84
CA ASP B 54 16.86 -11.01 -8.18
C ASP B 54 17.84 -9.88 -8.60
N LEU B 55 18.73 -9.51 -7.69
CA LEU B 55 19.68 -8.42 -7.88
C LEU B 55 20.53 -8.66 -9.13
N SER B 56 20.87 -9.92 -9.39
CA SER B 56 21.68 -10.30 -10.54
C SER B 56 20.91 -10.06 -11.84
N MET B 57 19.66 -10.50 -11.89
CA MET B 57 18.88 -10.41 -13.12
C MET B 57 18.55 -8.96 -13.47
N MET B 58 18.26 -8.13 -12.45
CA MET B 58 17.68 -6.80 -12.67
C MET B 58 18.67 -5.89 -13.39
N GLU B 59 19.96 -6.26 -13.39
CA GLU B 59 20.97 -5.43 -14.01
C GLU B 59 20.83 -5.40 -15.53
N ILE B 60 20.13 -6.38 -16.12
CA ILE B 60 19.88 -6.42 -17.56
C ILE B 60 19.01 -5.22 -17.97
N TYR B 61 18.13 -4.75 -17.08
CA TYR B 61 17.20 -3.67 -17.38
C TYR B 61 17.93 -2.32 -17.32
N ARG B 62 18.77 -2.11 -16.31
CA ARG B 62 19.57 -0.89 -16.18
C ARG B 62 20.57 -0.81 -17.34
N ASN B 63 21.18 -1.95 -17.67
CA ASN B 63 22.23 -2.02 -18.69
C ASN B 63 21.60 -1.87 -20.09
N TYR B 64 20.53 -2.60 -20.40
CA TYR B 64 20.00 -2.64 -21.78
C TYR B 64 18.65 -1.90 -21.88
N HIS B 65 17.59 -2.48 -21.28
CA HIS B 65 16.20 -2.08 -21.58
C HIS B 65 16.03 -0.55 -21.48
N TYR B 66 16.45 0.02 -20.34
CA TYR B 66 16.17 1.44 -20.03
C TYR B 66 16.85 2.38 -21.04
N ALA B 67 17.91 1.90 -21.68
CA ALA B 67 18.60 2.64 -22.76
C ALA B 67 17.84 2.47 -24.08
N PHE B 68 17.42 1.24 -24.38
CA PHE B 68 16.72 0.93 -25.63
C PHE B 68 15.41 1.73 -25.71
N THR B 69 14.73 1.89 -24.57
CA THR B 69 13.47 2.60 -24.51
C THR B 69 13.75 4.10 -24.30
N GLN B 70 15.03 4.46 -24.13
CA GLN B 70 15.48 5.86 -24.03
C GLN B 70 14.72 6.57 -22.90
N GLN B 71 14.66 5.90 -21.74
CA GLN B 71 14.09 6.46 -20.51
C GLN B 71 15.24 6.87 -19.57
N LEU B 72 16.29 6.03 -19.50
CA LEU B 72 17.47 6.33 -18.68
C LEU B 72 18.71 6.32 -19.58
N MET B 73 19.68 7.19 -19.21
CA MET B 73 20.91 7.44 -19.95
C MET B 73 21.77 8.41 -19.14
N GLY B 74 23.06 8.06 -18.97
CA GLY B 74 24.03 8.89 -18.24
C GLY B 74 24.89 8.04 -17.31
N CYS B 75 24.21 7.18 -16.54
CA CYS B 75 24.81 6.12 -15.76
C CYS B 75 25.77 5.33 -16.66
N TRP B 76 26.98 5.02 -16.16
CA TRP B 76 27.99 4.34 -16.97
C TRP B 76 27.39 3.06 -17.58
N ASN B 77 26.82 2.22 -16.70
CA ASN B 77 26.30 0.92 -17.08
C ASN B 77 25.31 1.08 -18.25
N THR B 78 24.37 2.00 -18.13
CA THR B 78 23.26 2.14 -19.07
C THR B 78 23.77 2.63 -20.42
N THR B 79 24.62 3.66 -20.41
CA THR B 79 25.17 4.26 -21.63
C THR B 79 26.11 3.27 -22.33
N ASN B 80 26.96 2.57 -21.56
CA ASN B 80 27.98 1.69 -22.10
C ASN B 80 27.34 0.53 -22.87
N TYR B 81 26.39 -0.16 -22.23
CA TYR B 81 25.83 -1.38 -22.82
C TYR B 81 24.73 -1.01 -23.82
N GLY B 82 23.59 -0.53 -23.31
CA GLY B 82 22.42 -0.28 -24.14
C GLY B 82 22.55 0.99 -24.97
N GLY B 83 23.14 2.03 -24.38
CA GLY B 83 23.24 3.34 -25.01
C GLY B 83 24.19 3.38 -26.20
N ARG B 84 25.19 2.48 -26.20
CA ARG B 84 26.24 2.45 -27.22
C ARG B 84 26.30 1.08 -27.90
N HIS B 85 25.28 0.25 -27.68
CA HIS B 85 25.08 -1.04 -28.35
C HIS B 85 26.33 -1.93 -28.19
N THR B 86 26.79 -2.09 -26.94
CA THR B 86 27.88 -3.02 -26.65
C THR B 86 27.28 -4.41 -26.48
N LEU B 87 27.52 -5.26 -27.49
CA LEU B 87 27.10 -6.64 -27.51
C LEU B 87 27.93 -7.42 -26.48
N ASP B 88 27.28 -7.91 -25.43
CA ASP B 88 27.92 -8.64 -24.34
C ASP B 88 27.04 -9.82 -23.91
N ASN B 89 27.52 -11.03 -24.17
CA ASN B 89 26.72 -12.25 -24.05
C ASN B 89 26.34 -12.51 -22.59
N ASN B 90 27.29 -12.26 -21.67
CA ASN B 90 27.06 -12.47 -20.24
C ASN B 90 25.89 -11.58 -19.77
N GLU B 91 25.94 -10.29 -20.11
CA GLU B 91 24.92 -9.32 -19.73
C GLU B 91 23.56 -9.70 -20.34
N MET B 92 23.58 -10.21 -21.57
CA MET B 92 22.36 -10.55 -22.29
C MET B 92 21.72 -11.84 -21.72
N SER B 93 22.51 -12.64 -21.00
CA SER B 93 22.12 -14.00 -20.61
C SER B 93 21.33 -14.02 -19.29
N ARG B 94 21.21 -12.88 -18.61
CA ARG B 94 20.77 -12.84 -17.21
C ARG B 94 19.35 -13.37 -17.05
N ILE B 95 18.42 -12.96 -17.93
CA ILE B 95 17.02 -13.37 -17.84
C ILE B 95 16.94 -14.89 -18.04
N TRP B 96 17.63 -15.38 -19.08
CA TRP B 96 17.65 -16.80 -19.43
C TRP B 96 18.08 -17.63 -18.21
N THR B 97 19.28 -17.35 -17.70
CA THR B 97 19.90 -18.03 -16.57
C THR B 97 18.98 -17.97 -15.34
N SER B 98 18.58 -16.74 -14.96
CA SER B 98 17.81 -16.51 -13.74
C SER B 98 16.51 -17.32 -13.74
N PHE B 99 15.76 -17.27 -14.83
CA PHE B 99 14.43 -17.88 -14.91
C PHE B 99 14.55 -19.41 -15.10
N TYR B 100 15.44 -19.86 -16.00
CA TYR B 100 15.53 -21.30 -16.30
C TYR B 100 16.18 -22.09 -15.16
N THR B 101 16.96 -21.43 -14.28
CA THR B 101 17.62 -22.14 -13.15
C THR B 101 16.81 -22.02 -11.85
N GLN B 102 15.78 -21.15 -11.81
CA GLN B 102 15.04 -20.88 -10.56
C GLN B 102 13.54 -20.75 -10.84
N SER B 103 13.07 -19.52 -11.06
CA SER B 103 11.64 -19.16 -11.06
C SER B 103 10.80 -20.07 -11.98
N LEU B 104 11.21 -20.18 -13.25
CA LEU B 104 10.41 -20.92 -14.24
C LEU B 104 10.53 -22.42 -13.95
N LYS B 105 11.75 -22.92 -13.79
CA LYS B 105 12.02 -24.31 -13.41
C LYS B 105 11.10 -24.72 -12.24
N ASN B 106 11.07 -23.86 -11.21
CA ASN B 106 10.33 -24.12 -9.97
C ASN B 106 8.81 -24.10 -10.22
N ILE B 107 8.32 -23.15 -11.02
CA ILE B 107 6.89 -23.05 -11.33
C ILE B 107 6.47 -24.22 -12.21
N ILE B 108 7.33 -24.61 -13.17
CA ILE B 108 7.07 -25.76 -14.06
C ILE B 108 6.85 -27.01 -13.20
N ASP B 109 7.81 -27.28 -12.32
CA ASP B 109 7.78 -28.43 -11.42
C ASP B 109 6.51 -28.39 -10.57
N ALA B 110 6.24 -27.23 -9.95
CA ALA B 110 5.08 -27.04 -9.07
C ALA B 110 3.77 -27.24 -9.84
N GLN B 111 3.73 -26.76 -11.09
CA GLN B 111 2.55 -26.88 -11.94
C GLN B 111 2.30 -28.35 -12.25
N TYR B 112 3.37 -29.08 -12.57
CA TYR B 112 3.32 -30.51 -12.93
C TYR B 112 2.73 -31.34 -11.79
N ARG B 113 3.21 -31.08 -10.57
CA ARG B 113 2.81 -31.83 -9.36
C ARG B 113 1.35 -31.58 -8.99
N THR B 114 0.73 -30.52 -9.54
CA THR B 114 -0.65 -30.12 -9.19
C THR B 114 -1.61 -30.21 -10.38
N ALA B 115 -1.11 -30.67 -11.54
CA ALA B 115 -1.94 -30.80 -12.75
C ALA B 115 -2.94 -31.94 -12.57
N GLU B 116 -4.11 -31.80 -13.22
CA GLU B 116 -5.12 -32.85 -13.29
C GLU B 116 -5.45 -33.38 -11.88
N ASP B 117 -5.48 -32.46 -10.90
CA ASP B 117 -5.85 -32.76 -9.51
C ASP B 117 -6.94 -31.77 -9.09
N ALA B 118 -8.15 -32.29 -8.89
CA ALA B 118 -9.39 -31.52 -8.75
C ALA B 118 -9.38 -30.72 -7.44
N GLU B 119 -8.53 -31.13 -6.49
CA GLU B 119 -8.49 -30.56 -5.13
C GLU B 119 -7.43 -29.44 -5.04
N LYS B 120 -6.69 -29.20 -6.13
CA LYS B 120 -5.65 -28.16 -6.16
C LYS B 120 -5.76 -27.34 -7.44
N VAL B 121 -7.00 -27.09 -7.90
CA VAL B 121 -7.24 -26.40 -9.19
C VAL B 121 -6.75 -24.95 -9.10
N ASN B 122 -6.94 -24.30 -7.95
CA ASN B 122 -6.63 -22.88 -7.79
C ASN B 122 -5.11 -22.66 -7.85
N ILE B 123 -4.36 -23.39 -7.02
CA ILE B 123 -2.89 -23.24 -7.02
C ILE B 123 -2.33 -23.63 -8.39
N ASN B 124 -2.86 -24.71 -8.99
CA ASN B 124 -2.44 -25.15 -10.31
C ASN B 124 -2.72 -24.04 -11.34
N SER B 125 -3.93 -23.47 -11.29
CA SER B 125 -4.38 -22.45 -12.24
C SER B 125 -3.52 -21.19 -12.14
N VAL B 126 -3.13 -20.84 -10.91
CA VAL B 126 -2.34 -19.65 -10.62
C VAL B 126 -0.91 -19.88 -11.15
N LEU B 127 -0.37 -21.08 -10.91
CA LEU B 127 0.96 -21.44 -11.39
C LEU B 127 1.01 -21.35 -12.91
N ARG B 128 -0.04 -21.86 -13.57
CA ARG B 128 -0.15 -21.85 -15.03
C ARG B 128 -0.12 -20.40 -15.54
N ILE B 129 -0.84 -19.52 -14.84
CA ILE B 129 -0.94 -18.12 -15.24
C ILE B 129 0.43 -17.46 -15.09
N TYR B 130 1.08 -17.69 -13.94
CA TYR B 130 2.35 -17.04 -13.68
C TYR B 130 3.45 -17.67 -14.55
N ARG B 131 3.27 -18.94 -14.93
CA ARG B 131 4.18 -19.60 -15.87
C ARG B 131 4.18 -18.85 -17.20
N VAL B 132 2.97 -18.51 -17.66
CA VAL B 132 2.80 -17.76 -18.90
C VAL B 132 3.54 -16.44 -18.78
N TYR B 133 3.36 -15.75 -17.65
CA TYR B 133 3.88 -14.40 -17.50
C TYR B 133 5.41 -14.42 -17.57
N LEU B 134 6.05 -15.32 -16.83
CA LEU B 134 7.51 -15.41 -16.78
C LEU B 134 8.04 -15.81 -18.17
N MET B 135 7.37 -16.76 -18.81
CA MET B 135 7.77 -17.25 -20.13
C MET B 135 7.64 -16.13 -21.17
N SER B 136 6.66 -15.23 -20.97
CA SER B 136 6.45 -14.07 -21.87
C SER B 136 7.69 -13.16 -21.88
N ILE B 137 8.33 -13.01 -20.73
CA ILE B 137 9.53 -12.17 -20.59
C ILE B 137 10.72 -12.84 -21.30
N ILE B 138 10.79 -14.17 -21.26
CA ILE B 138 11.87 -14.91 -21.92
C ILE B 138 11.75 -14.70 -23.43
N THR B 139 10.58 -15.04 -23.99
CA THR B 139 10.40 -15.05 -25.43
C THR B 139 10.39 -13.62 -26.02
N ASP B 140 9.88 -12.64 -25.25
CA ASP B 140 9.88 -11.22 -25.68
C ASP B 140 11.29 -10.64 -25.62
N THR B 141 12.24 -11.36 -25.02
CA THR B 141 13.64 -10.98 -24.95
C THR B 141 14.45 -11.64 -26.07
N TYR B 142 14.31 -12.96 -26.20
CA TYR B 142 15.23 -13.79 -26.99
C TYR B 142 14.59 -14.35 -28.26
N GLY B 143 13.26 -14.55 -28.24
CA GLY B 143 12.52 -15.17 -29.35
C GLY B 143 12.17 -16.61 -29.02
N ASP B 144 12.45 -17.53 -29.96
CA ASP B 144 12.23 -18.96 -29.73
C ASP B 144 12.97 -19.37 -28.46
N ALA B 145 12.40 -20.31 -27.70
CA ALA B 145 12.92 -20.65 -26.38
C ALA B 145 12.24 -21.91 -25.84
N PRO B 146 12.94 -22.71 -25.00
CA PRO B 146 12.31 -23.86 -24.35
C PRO B 146 11.08 -23.45 -23.53
N PHE B 147 10.01 -24.24 -23.64
CA PHE B 147 8.78 -24.00 -22.90
C PHE B 147 8.06 -25.32 -22.68
N SER B 148 7.52 -25.90 -23.76
CA SER B 148 6.79 -27.18 -23.71
C SER B 148 7.65 -28.26 -23.03
N GLU B 149 8.92 -28.36 -23.43
CA GLU B 149 9.82 -29.41 -22.94
C GLU B 149 10.75 -28.89 -21.84
N ALA B 150 10.52 -27.65 -21.36
CA ALA B 150 11.42 -27.00 -20.40
C ALA B 150 11.20 -27.56 -18.99
N GLY B 151 12.31 -27.72 -18.25
CA GLY B 151 12.31 -28.07 -16.81
C GLY B 151 11.75 -29.45 -16.52
N LEU B 152 11.88 -30.38 -17.48
CA LEU B 152 11.40 -31.75 -17.34
C LEU B 152 12.60 -32.70 -17.25
N GLY B 153 13.68 -32.24 -16.61
CA GLY B 153 14.87 -33.05 -16.39
C GLY B 153 14.59 -34.15 -15.37
N PHE B 154 14.40 -33.74 -14.10
CA PHE B 154 14.24 -34.66 -12.96
C PHE B 154 12.80 -35.19 -12.88
N LEU B 155 11.95 -34.85 -13.85
CA LEU B 155 10.56 -35.30 -13.90
C LEU B 155 10.40 -36.43 -14.93
N GLU B 156 10.42 -36.08 -16.21
CA GLU B 156 10.15 -37.00 -17.32
C GLU B 156 11.44 -37.41 -18.04
N GLY B 157 12.60 -36.93 -17.55
CA GLY B 157 13.91 -37.31 -18.08
C GLY B 157 14.28 -36.61 -19.38
N LYS B 158 13.49 -35.60 -19.80
CA LYS B 158 13.68 -34.90 -21.08
C LYS B 158 14.64 -33.72 -20.89
N PHE B 159 15.95 -33.98 -21.04
CA PHE B 159 16.97 -32.94 -21.12
C PHE B 159 17.07 -32.47 -22.58
N ASN B 160 17.83 -31.40 -22.82
CA ASN B 160 18.04 -30.82 -24.15
C ASN B 160 16.69 -30.42 -24.76
N PRO B 161 15.89 -29.56 -24.08
CA PRO B 161 14.55 -29.22 -24.57
C PRO B 161 14.64 -28.33 -25.82
N LYS B 162 13.78 -28.59 -26.81
CA LYS B 162 13.74 -27.80 -28.05
C LYS B 162 13.28 -26.38 -27.73
N TYR B 163 13.80 -25.42 -28.49
CA TYR B 163 13.33 -24.05 -28.44
C TYR B 163 12.01 -23.97 -29.21
N ASP B 164 10.90 -23.79 -28.48
CA ASP B 164 9.59 -23.61 -29.10
C ASP B 164 9.61 -22.32 -29.95
N LYS B 165 9.07 -22.41 -31.16
CA LYS B 165 8.82 -21.26 -32.03
C LYS B 165 7.91 -20.27 -31.29
N GLN B 166 8.25 -18.97 -31.35
CA GLN B 166 7.51 -17.92 -30.63
C GLN B 166 6.02 -17.99 -30.98
N GLU B 167 5.73 -18.21 -32.27
CA GLU B 167 4.39 -18.48 -32.79
C GLU B 167 3.62 -19.42 -31.83
N ASP B 168 4.23 -20.56 -31.51
CA ASP B 168 3.61 -21.65 -30.73
C ASP B 168 3.53 -21.27 -29.25
N ILE B 169 4.54 -20.55 -28.76
CA ILE B 169 4.61 -20.07 -27.38
C ILE B 169 3.41 -19.15 -27.11
N TYR B 170 3.12 -18.24 -28.04
CA TYR B 170 1.96 -17.33 -27.92
C TYR B 170 0.65 -18.10 -28.12
N ASN B 171 0.65 -19.13 -28.96
CA ASN B 171 -0.52 -20.03 -29.07
C ASN B 171 -0.84 -20.60 -27.69
N ALA B 172 0.20 -21.09 -26.99
CA ALA B 172 0.06 -21.73 -25.67
C ALA B 172 -0.41 -20.72 -24.61
N PHE B 173 0.12 -19.49 -24.67
CA PHE B 173 -0.26 -18.43 -23.74
C PHE B 173 -1.79 -18.29 -23.71
N PHE B 174 -2.38 -18.07 -24.91
CA PHE B 174 -3.83 -17.88 -25.05
C PHE B 174 -4.58 -19.10 -24.51
N LEU B 175 -4.10 -20.31 -24.84
CA LEU B 175 -4.77 -21.56 -24.46
C LEU B 175 -4.64 -21.80 -22.95
N GLU B 176 -3.46 -21.49 -22.40
CA GLU B 176 -3.18 -21.71 -20.98
C GLU B 176 -4.06 -20.80 -20.12
N LEU B 177 -4.09 -19.51 -20.44
CA LEU B 177 -4.83 -18.53 -19.67
C LEU B 177 -6.34 -18.83 -19.73
N GLU B 178 -6.86 -19.10 -20.93
CA GLU B 178 -8.29 -19.42 -21.10
C GLU B 178 -8.66 -20.58 -20.17
N ASP B 179 -7.83 -21.62 -20.16
CA ASP B 179 -8.11 -22.85 -19.43
C ASP B 179 -8.04 -22.61 -17.92
N ALA B 180 -7.01 -21.87 -17.47
CA ALA B 180 -6.81 -21.52 -16.06
C ALA B 180 -8.01 -20.73 -15.54
N VAL B 181 -8.52 -19.81 -16.35
CA VAL B 181 -9.67 -18.98 -15.99
C VAL B 181 -10.89 -19.88 -15.75
N ASN B 182 -11.05 -20.93 -16.57
CA ASN B 182 -12.24 -21.80 -16.55
C ASN B 182 -12.11 -22.88 -15.44
N LYS B 183 -10.88 -23.16 -14.98
CA LYS B 183 -10.60 -24.18 -13.96
C LYS B 183 -10.65 -23.59 -12.54
N ILE B 184 -10.45 -22.28 -12.40
CA ILE B 184 -10.45 -21.62 -11.10
C ILE B 184 -11.83 -21.81 -10.47
N ASP B 185 -11.86 -22.21 -9.19
CA ASP B 185 -13.09 -22.46 -8.44
C ASP B 185 -12.88 -22.05 -6.99
N PRO B 186 -13.50 -20.95 -6.51
CA PRO B 186 -13.28 -20.45 -5.14
C PRO B 186 -13.69 -21.39 -3.99
N THR B 187 -14.54 -22.38 -4.27
CA THR B 187 -15.03 -23.32 -3.25
C THR B 187 -13.99 -24.41 -2.94
N LYS B 188 -12.80 -24.31 -3.54
CA LYS B 188 -11.77 -25.36 -3.44
C LYS B 188 -10.60 -24.83 -2.58
N ASP B 189 -9.35 -25.07 -3.04
CA ASP B 189 -8.15 -24.87 -2.23
C ASP B 189 -7.85 -23.38 -2.06
N LYS B 190 -7.38 -23.03 -0.86
CA LYS B 190 -6.88 -21.70 -0.53
C LYS B 190 -5.46 -21.58 -1.09
N VAL B 191 -5.15 -20.39 -1.63
CA VAL B 191 -3.83 -20.05 -2.14
C VAL B 191 -3.14 -19.16 -1.10
N THR B 192 -1.99 -19.62 -0.59
CA THR B 192 -1.43 -19.13 0.67
C THR B 192 -0.19 -18.25 0.47
N GLY B 193 0.55 -18.41 -0.64
CA GLY B 193 1.86 -17.78 -0.79
C GLY B 193 1.85 -16.59 -1.75
N ASP B 194 0.66 -16.06 -2.05
CA ASP B 194 0.45 -15.15 -3.16
C ASP B 194 0.68 -13.70 -2.70
N LEU B 195 1.79 -13.11 -3.15
CA LEU B 195 2.18 -11.74 -2.79
C LEU B 195 1.58 -10.71 -3.76
N ILE B 196 0.71 -11.14 -4.69
CA ILE B 196 0.09 -10.21 -5.64
C ILE B 196 -1.35 -9.92 -5.19
N TYR B 197 -2.15 -10.98 -5.03
CA TYR B 197 -3.59 -10.85 -4.74
C TYR B 197 -4.01 -11.51 -3.41
N ALA B 198 -3.06 -12.13 -2.71
CA ALA B 198 -3.32 -12.77 -1.40
C ALA B 198 -4.35 -13.89 -1.53
N GLY B 199 -4.36 -14.56 -2.69
CA GLY B 199 -5.17 -15.76 -2.94
C GLY B 199 -6.58 -15.46 -3.44
N ASP B 200 -6.85 -14.20 -3.80
CA ASP B 200 -8.11 -13.83 -4.46
C ASP B 200 -8.06 -14.36 -5.91
N VAL B 201 -8.57 -15.57 -6.13
CA VAL B 201 -8.49 -16.24 -7.41
C VAL B 201 -9.37 -15.53 -8.45
N THR B 202 -10.38 -14.78 -7.99
CA THR B 202 -11.20 -13.94 -8.87
C THR B 202 -10.31 -12.90 -9.55
N LYS B 203 -9.40 -12.29 -8.78
CA LYS B 203 -8.48 -11.30 -9.29
C LYS B 203 -7.43 -11.95 -10.21
N TRP B 204 -7.12 -13.23 -9.97
CA TRP B 204 -6.24 -14.02 -10.86
C TRP B 204 -6.87 -14.23 -12.24
N GLN B 205 -8.20 -14.39 -12.28
CA GLN B 205 -8.91 -14.48 -13.54
C GLN B 205 -8.79 -13.14 -14.27
N GLN B 206 -8.95 -12.03 -13.53
CA GLN B 206 -8.86 -10.69 -14.08
C GLN B 206 -7.48 -10.48 -14.71
N LEU B 207 -6.42 -10.86 -13.98
CA LEU B 207 -5.05 -10.76 -14.47
C LEU B 207 -4.88 -11.65 -15.71
N ALA B 208 -5.33 -12.91 -15.61
CA ALA B 208 -5.20 -13.87 -16.71
C ALA B 208 -5.82 -13.28 -17.98
N ASN B 209 -7.05 -12.76 -17.87
CA ASN B 209 -7.79 -12.22 -19.01
C ASN B 209 -7.12 -10.93 -19.50
N SER B 210 -6.55 -10.16 -18.58
CA SER B 210 -5.80 -8.95 -18.91
C SER B 210 -4.52 -9.29 -19.69
N LEU B 211 -3.84 -10.39 -19.30
CA LEU B 211 -2.63 -10.83 -19.99
C LEU B 211 -2.98 -11.30 -21.42
N ARG B 212 -4.15 -11.92 -21.57
CA ARG B 212 -4.65 -12.29 -22.90
C ARG B 212 -4.79 -11.02 -23.75
N LEU B 213 -5.34 -9.96 -23.16
CA LEU B 213 -5.45 -8.62 -23.78
C LEU B 213 -4.06 -8.11 -24.21
N ARG B 214 -3.07 -8.25 -23.32
CA ARG B 214 -1.71 -7.80 -23.58
C ARG B 214 -1.14 -8.58 -24.78
N PHE B 215 -1.24 -9.91 -24.75
CA PHE B 215 -0.63 -10.79 -25.77
C PHE B 215 -1.41 -10.72 -27.09
N ALA B 216 -2.72 -10.50 -27.02
CA ALA B 216 -3.53 -10.27 -28.21
C ALA B 216 -3.05 -9.00 -28.94
N MET B 217 -2.88 -7.91 -28.19
CA MET B 217 -2.42 -6.67 -28.80
C MET B 217 -1.00 -6.85 -29.34
N ARG B 218 -0.22 -7.74 -28.74
CA ARG B 218 1.17 -7.95 -29.15
C ARG B 218 1.24 -8.54 -30.57
N ILE B 219 0.34 -9.48 -30.88
CA ILE B 219 0.37 -10.20 -32.17
C ILE B 219 -0.55 -9.51 -33.19
N SER B 220 -0.97 -8.28 -32.92
CA SER B 220 -2.00 -7.59 -33.71
C SER B 220 -1.45 -7.12 -35.06
N SER B 221 -0.11 -7.00 -35.21
CA SER B 221 0.52 -6.66 -36.51
C SER B 221 0.71 -7.90 -37.37
N VAL B 222 1.23 -8.99 -36.77
CA VAL B 222 1.51 -10.21 -37.52
C VAL B 222 0.20 -10.92 -37.86
N ASN B 223 -0.80 -10.80 -36.98
CA ASN B 223 -2.05 -11.53 -37.10
C ASN B 223 -3.18 -10.73 -36.47
N PRO B 224 -3.67 -9.66 -37.14
CA PRO B 224 -4.76 -8.85 -36.61
C PRO B 224 -6.07 -9.64 -36.40
N THR B 225 -6.24 -10.73 -37.16
CA THR B 225 -7.44 -11.54 -37.08
C THR B 225 -7.48 -12.28 -35.73
N LYS B 226 -6.43 -13.07 -35.46
CA LYS B 226 -6.32 -13.83 -34.22
C LYS B 226 -6.27 -12.87 -33.02
N ALA B 227 -5.63 -11.72 -33.21
CA ALA B 227 -5.52 -10.70 -32.16
C ALA B 227 -6.92 -10.25 -31.72
N GLN B 228 -7.77 -9.89 -32.68
CA GLN B 228 -9.11 -9.38 -32.42
C GLN B 228 -9.94 -10.44 -31.66
N THR B 229 -9.88 -11.69 -32.13
CA THR B 229 -10.64 -12.81 -31.54
C THR B 229 -10.22 -13.00 -30.08
N GLU B 230 -8.91 -13.14 -29.85
CA GLU B 230 -8.36 -13.38 -28.51
C GLU B 230 -8.71 -12.21 -27.58
N PHE B 231 -8.71 -10.98 -28.13
CA PHE B 231 -9.01 -9.78 -27.35
C PHE B 231 -10.48 -9.79 -26.94
N GLU B 232 -11.38 -10.00 -27.90
CA GLU B 232 -12.83 -10.03 -27.62
C GLU B 232 -13.14 -11.21 -26.68
N ASN B 233 -12.58 -12.39 -26.95
CA ASN B 233 -12.77 -13.58 -26.11
C ASN B 233 -12.44 -13.27 -24.65
N ALA B 234 -11.32 -12.58 -24.43
CA ALA B 234 -10.80 -12.28 -23.10
C ALA B 234 -11.75 -11.36 -22.32
N LEU B 235 -12.33 -10.38 -23.02
CA LEU B 235 -13.29 -9.46 -22.40
C LEU B 235 -14.56 -10.21 -21.94
N ALA B 236 -14.87 -11.33 -22.60
CA ALA B 236 -16.10 -12.08 -22.38
C ALA B 236 -15.88 -13.29 -21.46
N ALA B 237 -14.67 -13.45 -20.91
CA ALA B 237 -14.32 -14.64 -20.14
C ALA B 237 -14.73 -14.48 -18.68
N ASN B 238 -14.87 -15.60 -17.98
CA ASN B 238 -15.17 -15.63 -16.55
C ASN B 238 -14.22 -14.67 -15.82
N GLY B 239 -14.82 -13.78 -15.00
CA GLY B 239 -14.08 -12.86 -14.15
C GLY B 239 -13.86 -11.51 -14.81
N GLY B 240 -13.89 -11.48 -16.14
CA GLY B 240 -13.57 -10.27 -16.91
C GLY B 240 -12.10 -9.92 -16.80
N VAL B 241 -11.81 -8.62 -17.00
CA VAL B 241 -10.44 -8.11 -17.01
C VAL B 241 -10.30 -7.08 -15.87
N ILE B 242 -9.10 -6.49 -15.73
CA ILE B 242 -8.81 -5.53 -14.68
C ILE B 242 -9.41 -4.18 -15.09
N THR B 243 -10.54 -3.82 -14.46
CA THR B 243 -11.36 -2.66 -14.84
C THR B 243 -11.07 -1.44 -13.95
N ASP B 244 -10.30 -1.62 -12.86
CA ASP B 244 -9.82 -0.48 -12.07
C ASP B 244 -8.60 -0.89 -11.23
N ALA B 245 -7.95 0.10 -10.63
CA ALA B 245 -6.62 -0.02 -10.03
C ALA B 245 -6.61 -0.99 -8.83
N SER B 246 -7.79 -1.24 -8.24
CA SER B 246 -7.93 -2.12 -7.08
C SER B 246 -7.61 -3.58 -7.44
N SER B 247 -7.45 -3.88 -8.74
CA SER B 247 -7.09 -5.20 -9.23
C SER B 247 -5.75 -5.18 -9.96
N ASP B 248 -4.94 -4.13 -9.76
CA ASP B 248 -3.59 -4.07 -10.33
C ASP B 248 -2.78 -5.25 -9.79
N ALA B 249 -2.13 -6.01 -10.67
CA ALA B 249 -1.26 -7.10 -10.27
C ALA B 249 0.11 -6.52 -9.91
N LEU B 250 0.37 -6.38 -8.60
CA LEU B 250 1.60 -5.82 -8.05
C LEU B 250 2.20 -6.81 -7.04
N ILE B 251 3.47 -7.18 -7.27
CA ILE B 251 4.24 -7.98 -6.33
C ILE B 251 4.67 -7.07 -5.17
N LYS B 252 4.43 -7.56 -3.95
CA LYS B 252 4.63 -6.84 -2.73
C LYS B 252 6.03 -7.16 -2.19
N TYR B 253 6.88 -6.13 -2.14
CA TYR B 253 8.23 -6.24 -1.61
C TYR B 253 8.28 -5.54 -0.25
N MET B 254 9.28 -5.89 0.57
CA MET B 254 9.44 -5.28 1.88
C MET B 254 10.67 -4.38 1.88
N THR B 255 10.76 -3.53 2.92
CA THR B 255 11.83 -2.58 3.07
C THR B 255 13.01 -3.25 3.77
N ILE B 256 14.08 -3.45 3.00
CA ILE B 256 15.35 -3.95 3.47
C ILE B 256 16.43 -2.99 2.98
N ALA B 257 17.39 -2.67 3.86
CA ALA B 257 18.50 -1.80 3.50
C ALA B 257 19.28 -2.42 2.33
N PHE B 258 19.60 -1.58 1.34
CA PHE B 258 20.35 -1.99 0.16
C PHE B 258 21.75 -2.45 0.58
N SER B 259 22.04 -3.71 0.26
CA SER B 259 23.36 -4.31 0.43
C SER B 259 23.81 -4.89 -0.91
N PHE B 260 25.11 -4.76 -1.22
CA PHE B 260 25.69 -5.33 -2.43
C PHE B 260 26.74 -6.39 -2.07
N GLY B 261 26.59 -7.02 -0.89
CA GLY B 261 27.39 -8.19 -0.50
C GLY B 261 26.86 -9.47 -1.15
N GLN B 262 27.60 -10.57 -0.97
CA GLN B 262 27.25 -11.87 -1.56
C GLN B 262 25.86 -12.33 -1.07
N GLU B 263 25.54 -12.09 0.20
CA GLU B 263 24.26 -12.51 0.81
C GLU B 263 23.06 -11.94 0.03
N ALA B 264 23.24 -10.71 -0.47
CA ALA B 264 22.18 -9.93 -1.13
C ALA B 264 21.73 -10.58 -2.45
N TYR B 265 22.61 -11.36 -3.09
CA TYR B 265 22.31 -12.00 -4.37
C TYR B 265 21.42 -13.24 -4.20
N SER B 266 21.19 -13.67 -2.95
CA SER B 266 20.25 -14.76 -2.63
C SER B 266 19.01 -14.22 -1.88
N ASP B 267 18.92 -12.90 -1.74
CA ASP B 267 17.85 -12.22 -1.00
C ASP B 267 16.91 -11.54 -2.00
N TYR B 268 15.70 -12.11 -2.16
CA TYR B 268 14.72 -11.65 -3.16
C TYR B 268 13.58 -10.85 -2.51
N ARG B 269 13.73 -10.48 -1.23
CA ARG B 269 12.64 -9.94 -0.41
C ARG B 269 12.38 -8.45 -0.76
N GLY B 270 13.39 -7.79 -1.32
CA GLY B 270 13.29 -6.40 -1.75
C GLY B 270 13.31 -6.27 -3.26
N ASN B 271 12.79 -5.14 -3.75
CA ASN B 271 12.82 -4.78 -5.15
C ASN B 271 14.26 -4.41 -5.54
N SER B 272 14.94 -5.34 -6.21
CA SER B 272 16.35 -5.21 -6.54
C SER B 272 16.54 -4.28 -7.75
N LEU B 273 15.47 -4.03 -8.50
CA LEU B 273 15.55 -3.09 -9.61
C LEU B 273 15.78 -1.68 -9.04
N SER B 274 14.91 -1.31 -8.10
CA SER B 274 15.02 -0.05 -7.39
C SER B 274 16.42 0.09 -6.76
N GLN B 275 16.93 -1.03 -6.23
CA GLN B 275 18.25 -1.06 -5.62
C GLN B 275 19.31 -0.61 -6.64
N LEU B 276 19.27 -1.24 -7.83
CA LEU B 276 20.24 -0.98 -8.88
C LEU B 276 20.10 0.45 -9.41
N LEU B 277 18.85 0.94 -9.51
CA LEU B 277 18.60 2.27 -10.04
C LEU B 277 19.14 3.32 -9.05
N PHE B 278 19.16 2.98 -7.76
CA PHE B 278 19.87 3.80 -6.80
C PHE B 278 21.37 3.70 -7.10
N GLY B 279 21.88 2.46 -7.12
CA GLY B 279 23.22 2.16 -7.65
C GLY B 279 24.17 1.54 -6.65
N ASN B 280 24.99 0.61 -7.15
CA ASN B 280 26.19 0.12 -6.47
C ASN B 280 27.18 1.28 -6.31
N ASP B 281 27.16 2.21 -7.29
CA ASP B 281 28.05 3.36 -7.36
C ASP B 281 27.18 4.62 -7.46
N PRO B 282 26.39 4.92 -6.40
CA PRO B 282 25.27 5.85 -6.51
C PRO B 282 25.60 7.35 -6.65
N ALA B 283 26.82 7.75 -6.26
CA ALA B 283 27.24 9.14 -6.37
C ALA B 283 27.77 9.41 -7.80
N ASN B 284 28.67 8.54 -8.27
CA ASN B 284 29.30 8.65 -9.58
C ASN B 284 28.32 8.24 -10.69
N ASN B 285 27.40 7.31 -10.40
CA ASN B 285 26.56 6.70 -11.44
C ASN B 285 25.14 6.45 -10.95
N PRO B 286 24.37 7.52 -10.68
CA PRO B 286 22.93 7.39 -10.39
C PRO B 286 22.12 7.18 -11.68
N SER B 287 20.80 7.12 -11.55
CA SER B 287 19.89 7.06 -12.68
C SER B 287 19.61 8.46 -13.21
N TYR B 288 20.46 8.94 -14.12
CA TYR B 288 20.18 10.13 -14.92
C TYR B 288 19.16 9.76 -16.00
N LEU B 289 18.18 10.64 -16.23
CA LEU B 289 17.12 10.43 -17.22
C LEU B 289 17.66 10.75 -18.62
N CYS B 290 17.09 10.06 -19.62
CA CYS B 290 17.38 10.28 -21.04
C CYS B 290 16.51 11.43 -21.56
N SER B 291 17.05 12.23 -22.48
CA SER B 291 16.38 13.44 -22.97
C SER B 291 15.05 13.10 -23.65
N THR B 292 15.02 11.97 -24.36
CA THR B 292 13.81 11.55 -25.07
C THR B 292 12.63 11.50 -24.09
N PHE B 293 12.86 10.86 -22.94
CA PHE B 293 11.86 10.69 -21.89
C PHE B 293 11.63 12.01 -21.15
N PHE B 294 12.71 12.66 -20.69
CA PHE B 294 12.55 13.86 -19.91
C PHE B 294 11.80 14.92 -20.74
N ASN B 295 12.22 15.10 -21.99
CA ASN B 295 11.66 16.13 -22.88
C ASN B 295 10.20 15.80 -23.23
N GLN B 296 9.88 14.50 -23.39
CA GLN B 296 8.47 14.11 -23.64
C GLN B 296 7.62 14.66 -22.48
N LEU B 297 8.08 14.42 -21.25
CA LEU B 297 7.39 14.85 -20.05
C LEU B 297 7.33 16.38 -19.99
N TYR B 298 8.49 17.02 -20.07
CA TYR B 298 8.62 18.46 -19.86
C TYR B 298 7.90 19.26 -20.96
N ASN B 299 8.19 18.94 -22.22
CA ASN B 299 7.70 19.74 -23.35
C ASN B 299 6.18 19.57 -23.51
N SER B 300 5.62 18.51 -22.92
CA SER B 300 4.18 18.22 -23.01
C SER B 300 3.41 18.75 -21.79
N GLY B 301 4.12 19.39 -20.84
CA GLY B 301 3.50 19.88 -19.60
C GLY B 301 2.88 18.77 -18.78
N ASP B 302 3.55 17.61 -18.78
CA ASP B 302 3.11 16.41 -18.09
C ASP B 302 3.29 16.64 -16.58
N PRO B 303 2.20 16.51 -15.77
CA PRO B 303 2.32 16.64 -14.31
C PRO B 303 3.32 15.67 -13.65
N ARG B 304 3.61 14.55 -14.31
CA ARG B 304 4.54 13.55 -13.81
C ARG B 304 6.00 14.01 -13.96
N THR B 305 6.26 15.04 -14.77
CA THR B 305 7.62 15.47 -15.07
C THR B 305 8.47 15.40 -13.80
N PHE B 306 8.03 16.12 -12.76
CA PHE B 306 8.79 16.29 -11.52
C PHE B 306 8.24 15.42 -10.39
N LYS B 307 7.32 14.50 -10.71
CA LYS B 307 7.02 13.38 -9.83
C LYS B 307 8.04 12.26 -10.11
N ILE B 308 8.37 12.09 -11.40
CA ILE B 308 9.33 11.06 -11.89
C ILE B 308 10.77 11.57 -11.70
N SER B 309 11.04 12.83 -12.03
CA SER B 309 12.42 13.35 -12.05
C SER B 309 12.59 14.54 -11.09
N ARG B 310 13.82 14.65 -10.56
CA ARG B 310 14.30 15.81 -9.84
C ARG B 310 15.77 16.02 -10.20
N CYS B 311 16.22 17.26 -10.01
CA CYS B 311 17.65 17.55 -9.96
C CYS B 311 18.09 17.59 -8.49
N TYR B 312 19.08 16.75 -8.17
CA TYR B 312 19.61 16.59 -6.82
C TYR B 312 21.10 16.96 -6.79
N TYR B 313 21.53 17.58 -5.68
CA TYR B 313 22.94 17.59 -5.27
C TYR B 313 23.16 16.52 -4.20
N ASP B 314 24.12 15.63 -4.44
CA ASP B 314 24.27 14.39 -3.67
C ASP B 314 25.58 14.37 -2.88
N GLY B 315 26.14 15.54 -2.57
CA GLY B 315 27.39 15.67 -1.82
C GLY B 315 27.30 15.05 -0.43
N LEU B 316 26.13 15.17 0.21
CA LEU B 316 25.91 14.66 1.57
C LEU B 316 25.09 13.36 1.56
N MET B 317 24.74 12.87 0.37
CA MET B 317 23.89 11.71 0.22
C MET B 317 24.54 10.48 0.86
N SER B 318 23.71 9.65 1.51
CA SER B 318 24.16 8.39 2.09
C SER B 318 24.70 7.47 0.99
N ALA B 319 25.63 6.58 1.36
CA ALA B 319 26.30 5.68 0.41
C ALA B 319 25.40 4.46 0.10
N THR B 320 24.42 4.20 0.97
CA THR B 320 23.63 2.96 0.97
C THR B 320 22.14 3.26 0.71
N SER B 321 21.80 4.54 0.61
CA SER B 321 20.41 5.00 0.70
C SER B 321 20.27 6.36 0.01
N PRO B 322 19.09 6.67 -0.58
CA PRO B 322 18.86 8.00 -1.15
C PRO B 322 18.48 9.09 -0.13
N ASP B 323 19.07 9.04 1.07
CA ASP B 323 18.83 10.04 2.13
C ASP B 323 19.84 11.18 1.99
N ASN B 324 19.44 12.37 2.47
CA ASN B 324 20.31 13.54 2.63
C ASN B 324 20.70 14.12 1.26
N ARG B 325 19.81 13.93 0.27
CA ARG B 325 19.94 14.55 -1.05
C ARG B 325 19.33 15.96 -1.00
N VAL B 326 19.83 16.87 -1.83
CA VAL B 326 19.36 18.24 -1.87
C VAL B 326 18.62 18.44 -3.20
N ASP B 327 17.35 18.81 -3.11
CA ASP B 327 16.51 19.05 -4.27
C ASP B 327 16.71 20.50 -4.75
N ILE B 328 17.28 20.65 -5.94
CA ILE B 328 17.59 21.96 -6.51
C ILE B 328 16.67 22.26 -7.70
N THR B 329 15.63 21.44 -7.89
CA THR B 329 14.75 21.52 -9.04
C THR B 329 14.11 22.92 -9.10
N GLN B 330 13.48 23.32 -7.99
CA GLN B 330 12.74 24.58 -7.91
C GLN B 330 13.69 25.77 -8.06
N GLU B 331 14.90 25.67 -7.50
CA GLU B 331 15.92 26.71 -7.62
C GLU B 331 16.27 26.94 -9.10
N MET B 332 16.46 25.84 -9.84
CA MET B 332 16.88 25.90 -11.24
C MET B 332 15.80 26.62 -12.08
N ILE B 333 14.53 26.34 -11.78
CA ILE B 333 13.41 26.96 -12.49
C ILE B 333 13.40 28.46 -12.21
N GLU B 334 13.59 28.85 -10.93
CA GLU B 334 13.56 30.25 -10.50
C GLU B 334 14.69 31.05 -11.17
N LYS B 335 15.91 30.48 -11.19
CA LYS B 335 17.10 31.16 -11.71
C LYS B 335 17.14 31.10 -13.25
N GLY B 336 16.34 30.21 -13.85
CA GLY B 336 16.26 30.04 -15.31
C GLY B 336 17.39 29.18 -15.84
N ILE B 337 17.82 28.19 -15.05
CA ILE B 337 18.89 27.28 -15.41
C ILE B 337 18.28 26.15 -16.24
N ALA B 338 18.87 25.87 -17.40
CA ALA B 338 18.38 24.84 -18.31
C ALA B 338 18.71 23.46 -17.73
N PHE B 339 17.74 22.55 -17.80
CA PHE B 339 17.95 21.14 -17.55
C PHE B 339 18.76 20.55 -18.71
N SER B 340 19.64 19.59 -18.41
CA SER B 340 20.52 18.99 -19.42
C SER B 340 20.40 17.46 -19.38
N PRO B 341 19.22 16.89 -19.69
CA PRO B 341 19.07 15.44 -19.76
C PRO B 341 19.97 14.89 -20.87
N ARG B 342 20.27 13.60 -20.80
CA ARG B 342 21.32 12.95 -21.57
C ARG B 342 20.73 12.35 -22.85
N ASP B 343 21.24 12.81 -23.99
CA ASP B 343 20.87 12.25 -25.29
C ASP B 343 21.31 10.78 -25.33
N PRO B 344 20.61 9.91 -26.09
CA PRO B 344 21.03 8.53 -26.26
C PRO B 344 22.49 8.44 -26.78
N GLY B 345 23.35 7.77 -26.00
CA GLY B 345 24.78 7.67 -26.30
C GLY B 345 25.66 8.44 -25.31
N ALA B 346 25.07 9.45 -24.65
CA ALA B 346 25.80 10.37 -23.76
C ALA B 346 25.97 9.75 -22.36
N TYR B 347 27.15 9.97 -21.77
CA TYR B 347 27.39 9.77 -20.34
C TYR B 347 27.01 11.06 -19.62
N SER B 348 26.96 11.00 -18.28
CA SER B 348 26.74 12.17 -17.44
C SER B 348 27.88 13.19 -17.63
N TRP B 349 29.06 12.71 -18.00
CA TRP B 349 30.29 13.52 -18.07
C TRP B 349 30.61 13.94 -19.52
N GLU B 350 29.93 13.34 -20.50
CA GLU B 350 30.18 13.56 -21.94
C GLU B 350 28.84 13.66 -22.65
N PRO B 351 28.39 14.89 -22.97
CA PRO B 351 29.15 16.12 -22.81
C PRO B 351 28.94 16.80 -21.43
N TRP B 352 30.00 17.46 -20.96
CA TRP B 352 30.01 18.13 -19.66
C TRP B 352 29.06 19.33 -19.71
N PRO B 353 28.07 19.41 -18.80
CA PRO B 353 27.02 20.44 -18.87
C PRO B 353 27.44 21.82 -18.34
N THR B 354 26.70 22.84 -18.80
CA THR B 354 26.71 24.19 -18.22
C THR B 354 25.97 24.17 -16.89
N GLY B 355 26.65 24.60 -15.82
CA GLY B 355 26.13 24.55 -14.46
C GLY B 355 25.72 25.93 -13.97
N TYR B 356 25.61 26.05 -12.64
CA TYR B 356 25.32 27.32 -11.98
C TYR B 356 25.78 27.23 -10.51
N ASP B 357 25.78 28.37 -9.83
CA ASP B 357 26.10 28.44 -8.40
C ASP B 357 24.78 28.47 -7.62
N SER B 358 24.56 27.41 -6.83
CA SER B 358 23.34 27.23 -6.05
C SER B 358 23.43 28.04 -4.76
N ASP B 359 22.35 28.79 -4.46
CA ASP B 359 22.23 29.53 -3.21
C ASP B 359 21.85 28.56 -2.08
N ILE B 360 21.09 27.51 -2.39
CA ILE B 360 20.70 26.53 -1.36
C ILE B 360 21.97 25.86 -0.82
N CYS B 361 22.86 25.46 -1.75
CA CYS B 361 24.07 24.69 -1.43
C CYS B 361 25.12 25.57 -0.73
N ALA B 362 25.21 26.85 -1.13
CA ALA B 362 26.12 27.82 -0.49
C ALA B 362 25.70 28.02 0.98
N GLU B 363 24.39 28.24 1.20
CA GLU B 363 23.79 28.37 2.53
C GLU B 363 24.07 27.10 3.35
N LEU B 364 23.99 25.93 2.71
CA LEU B 364 24.12 24.64 3.38
C LEU B 364 25.60 24.36 3.73
N ALA B 365 26.51 24.97 2.97
CA ALA B 365 27.95 24.82 3.13
C ALA B 365 28.44 25.47 4.44
N VAL B 366 27.66 26.42 4.98
CA VAL B 366 28.04 27.15 6.21
C VAL B 366 28.18 26.15 7.38
N ASN B 367 27.29 25.16 7.47
CA ASN B 367 27.29 24.16 8.56
C ASN B 367 27.79 22.79 8.06
N ASN B 368 27.90 22.63 6.74
CA ASN B 368 28.44 21.39 6.14
C ASN B 368 29.52 21.79 5.14
N PRO B 369 30.75 22.10 5.60
CA PRO B 369 31.76 22.73 4.74
C PRO B 369 32.26 21.85 3.57
N SER B 370 31.90 20.55 3.58
CA SER B 370 32.21 19.64 2.46
C SER B 370 31.35 19.97 1.22
N VAL B 371 30.18 20.59 1.43
CA VAL B 371 29.26 20.96 0.34
C VAL B 371 29.93 22.03 -0.54
N THR B 372 29.74 21.90 -1.86
CA THR B 372 30.12 22.93 -2.82
C THR B 372 28.86 23.54 -3.40
N ALA B 373 28.96 24.83 -3.75
CA ALA B 373 27.85 25.60 -4.32
C ALA B 373 27.88 25.54 -5.85
N THR B 374 29.02 25.12 -6.43
CA THR B 374 29.16 25.00 -7.88
C THR B 374 28.51 23.69 -8.35
N MET B 375 27.36 23.82 -9.02
CA MET B 375 26.65 22.70 -9.61
C MET B 375 27.18 22.49 -11.03
N ALA B 376 27.37 21.22 -11.42
CA ALA B 376 27.70 20.82 -12.77
C ALA B 376 26.65 19.81 -13.27
N ARG B 377 26.90 18.52 -13.05
CA ARG B 377 26.05 17.42 -13.54
C ARG B 377 24.74 17.34 -12.74
N GLU B 378 24.66 18.11 -11.65
CA GLU B 378 23.44 18.22 -10.86
C GLU B 378 22.29 18.77 -11.72
N VAL B 379 22.61 19.51 -12.79
CA VAL B 379 21.61 20.12 -13.69
C VAL B 379 20.98 19.06 -14.61
N GLU B 380 21.52 17.84 -14.61
CA GLU B 380 20.97 16.72 -15.36
C GLU B 380 19.91 16.02 -14.50
N PRO B 381 18.61 16.03 -14.90
CA PRO B 381 17.55 15.38 -14.12
C PRO B 381 17.85 13.91 -13.76
N LYS B 382 17.52 13.55 -12.51
CA LYS B 382 17.74 12.22 -11.97
C LYS B 382 16.39 11.60 -11.59
N LEU B 383 16.38 10.27 -11.42
CA LEU B 383 15.20 9.53 -11.05
C LEU B 383 14.85 9.87 -9.59
N ALA B 384 13.59 10.24 -9.36
CA ALA B 384 13.12 10.72 -8.06
C ALA B 384 13.21 9.59 -7.03
N ASN B 385 13.44 9.99 -5.76
CA ASN B 385 13.67 9.07 -4.63
C ASN B 385 12.54 8.05 -4.50
N ASN B 386 11.35 8.42 -4.97
CA ASN B 386 10.14 7.63 -4.87
C ASN B 386 10.30 6.27 -5.57
N PHE B 387 11.23 6.19 -6.53
CA PHE B 387 11.45 5.02 -7.39
C PHE B 387 12.76 4.30 -7.03
N LEU B 388 13.28 4.57 -5.82
CA LEU B 388 14.56 4.06 -5.34
C LEU B 388 14.38 3.44 -3.95
N LYS B 389 13.21 2.81 -3.73
CA LYS B 389 12.85 2.19 -2.46
C LYS B 389 12.68 0.69 -2.69
N SER B 390 13.18 -0.12 -1.75
CA SER B 390 13.13 -1.59 -1.87
C SER B 390 11.69 -2.09 -1.78
N ASP B 391 10.78 -1.28 -1.24
CA ASP B 391 9.37 -1.65 -1.11
C ASP B 391 8.56 -1.13 -2.31
N ASN B 392 9.22 -0.54 -3.32
CA ASN B 392 8.59 -0.30 -4.61
C ASN B 392 8.02 -1.61 -5.12
N PRO B 393 6.78 -1.64 -5.66
CA PRO B 393 6.15 -2.88 -6.11
C PRO B 393 6.76 -3.41 -7.40
N GLY B 394 6.64 -4.73 -7.60
CA GLY B 394 6.98 -5.39 -8.84
C GLY B 394 5.79 -5.42 -9.77
N VAL B 395 5.79 -4.53 -10.77
CA VAL B 395 4.62 -4.32 -11.61
C VAL B 395 4.51 -5.48 -12.60
N VAL B 396 3.33 -6.12 -12.59
CA VAL B 396 2.98 -7.15 -13.55
C VAL B 396 2.03 -6.55 -14.58
N MET B 397 0.88 -6.03 -14.14
CA MET B 397 -0.04 -5.36 -15.07
C MET B 397 -1.00 -4.43 -14.31
N THR B 398 -1.33 -3.29 -14.94
CA THR B 398 -2.18 -2.26 -14.35
C THR B 398 -3.50 -2.11 -15.13
N SER B 399 -4.48 -1.47 -14.48
CA SER B 399 -5.75 -1.14 -15.10
C SER B 399 -5.54 -0.05 -16.16
N ALA B 400 -4.53 0.80 -15.93
CA ALA B 400 -4.16 1.86 -16.86
C ALA B 400 -3.78 1.23 -18.21
N GLU B 401 -2.97 0.18 -18.19
CA GLU B 401 -2.55 -0.52 -19.41
C GLU B 401 -3.78 -1.07 -20.13
N VAL B 402 -4.70 -1.68 -19.37
CA VAL B 402 -5.90 -2.28 -19.95
C VAL B 402 -6.69 -1.19 -20.68
N LYS B 403 -6.74 -0.01 -20.09
CA LYS B 403 -7.41 1.16 -20.67
C LYS B 403 -6.77 1.51 -22.02
N PHE B 404 -5.43 1.51 -22.09
CA PHE B 404 -4.69 1.82 -23.32
C PHE B 404 -4.88 0.71 -24.36
N LEU B 405 -4.95 -0.55 -23.91
CA LEU B 405 -5.19 -1.69 -24.81
C LEU B 405 -6.60 -1.58 -25.41
N MET B 406 -7.56 -1.18 -24.58
CA MET B 406 -8.96 -1.01 -24.97
C MET B 406 -9.09 0.14 -25.99
N ALA B 407 -8.32 1.21 -25.78
CA ALA B 407 -8.37 2.39 -26.63
C ALA B 407 -7.76 2.08 -27.99
N GLU B 408 -6.62 1.40 -27.99
CA GLU B 408 -5.97 0.95 -29.22
C GLU B 408 -6.92 0.00 -29.97
N ALA B 409 -7.58 -0.92 -29.24
CA ALA B 409 -8.50 -1.89 -29.82
C ALA B 409 -9.69 -1.18 -30.49
N THR B 410 -10.12 -0.05 -29.91
CA THR B 410 -11.25 0.73 -30.42
C THR B 410 -10.83 1.45 -31.71
N VAL B 411 -9.62 2.03 -31.72
CA VAL B 411 -9.08 2.72 -32.91
C VAL B 411 -8.91 1.70 -34.05
N LYS B 412 -8.59 0.44 -33.71
CA LYS B 412 -8.44 -0.64 -34.69
C LYS B 412 -9.81 -1.21 -35.11
N LYS B 413 -10.89 -0.69 -34.52
CA LYS B 413 -12.28 -0.97 -34.94
C LYS B 413 -12.70 -2.38 -34.48
N TRP B 414 -12.16 -2.83 -33.33
CA TRP B 414 -12.60 -4.08 -32.70
C TRP B 414 -13.87 -3.81 -31.91
N ASN B 415 -14.60 -4.87 -31.55
CA ASN B 415 -15.86 -4.78 -30.81
C ASN B 415 -15.59 -5.05 -29.32
N VAL B 416 -15.37 -3.97 -28.57
CA VAL B 416 -14.90 -4.07 -27.18
C VAL B 416 -15.78 -3.23 -26.24
N GLY B 417 -17.03 -2.95 -26.64
CA GLY B 417 -18.01 -2.26 -25.80
C GLY B 417 -18.39 -0.89 -26.36
N SER B 418 -18.91 -0.04 -25.47
CA SER B 418 -19.63 1.19 -25.85
C SER B 418 -18.82 2.45 -25.52
N VAL B 419 -17.67 2.30 -24.86
CA VAL B 419 -16.88 3.46 -24.48
C VAL B 419 -16.04 3.88 -25.69
N SER B 420 -15.97 5.19 -25.94
CA SER B 420 -15.17 5.77 -27.04
C SER B 420 -13.68 5.60 -26.76
N ALA B 421 -12.88 5.56 -27.84
CA ALA B 421 -11.43 5.46 -27.75
C ALA B 421 -10.87 6.63 -26.94
N GLU B 422 -11.36 7.84 -27.21
CA GLU B 422 -10.89 9.06 -26.53
C GLU B 422 -11.11 8.95 -25.02
N ASP B 423 -12.29 8.46 -24.61
CA ASP B 423 -12.58 8.31 -23.19
C ASP B 423 -11.65 7.24 -22.58
N LEU B 424 -11.47 6.12 -23.29
CA LEU B 424 -10.63 5.04 -22.81
C LEU B 424 -9.20 5.56 -22.63
N TYR B 425 -8.68 6.27 -23.64
CA TYR B 425 -7.37 6.92 -23.59
C TYR B 425 -7.31 7.81 -22.34
N LYS B 426 -8.26 8.73 -22.21
CA LYS B 426 -8.34 9.68 -21.09
C LYS B 426 -8.34 8.93 -19.75
N GLN B 427 -9.04 7.80 -19.68
CA GLN B 427 -9.09 6.99 -18.47
C GLN B 427 -7.72 6.35 -18.21
N GLY B 428 -7.07 5.91 -19.29
CA GLY B 428 -5.75 5.32 -19.21
C GLY B 428 -4.72 6.29 -18.65
N VAL B 429 -4.82 7.56 -19.06
CA VAL B 429 -3.84 8.57 -18.70
C VAL B 429 -4.05 8.99 -17.24
N ARG B 430 -5.31 9.16 -16.85
CA ARG B 430 -5.68 9.50 -15.48
C ARG B 430 -5.20 8.40 -14.53
N ALA B 431 -5.36 7.13 -14.96
CA ALA B 431 -4.95 5.95 -14.18
C ALA B 431 -3.42 5.84 -14.12
N ALA B 432 -2.73 6.21 -15.20
CA ALA B 432 -1.27 6.19 -15.26
C ALA B 432 -0.70 7.19 -14.24
N ILE B 433 -1.26 8.40 -14.24
CA ILE B 433 -0.85 9.46 -13.32
C ILE B 433 -1.15 9.02 -11.88
N ASP B 434 -2.38 8.56 -11.61
CA ASP B 434 -2.80 8.19 -10.25
C ASP B 434 -2.00 6.96 -9.75
N PHE B 435 -1.50 6.13 -10.66
CA PHE B 435 -0.67 4.97 -10.33
C PHE B 435 0.53 5.39 -9.48
N LEU B 436 1.10 6.55 -9.81
CA LEU B 436 2.25 7.13 -9.10
C LEU B 436 1.83 7.57 -7.70
N THR B 437 0.68 8.23 -7.59
CA THR B 437 0.17 8.69 -6.31
C THR B 437 -0.08 7.49 -5.38
N ASP B 438 -0.60 6.39 -5.95
CA ASP B 438 -1.12 5.27 -5.17
C ASP B 438 0.01 4.32 -4.71
N ASN B 439 1.09 4.21 -5.48
CA ASN B 439 2.04 3.11 -5.30
C ASN B 439 3.48 3.61 -5.05
N TYR B 440 3.74 4.91 -5.21
CA TYR B 440 5.12 5.45 -5.09
C TYR B 440 5.18 6.72 -4.21
N GLY B 441 4.08 7.10 -3.57
CA GLY B 441 4.05 8.24 -2.66
C GLY B 441 4.22 9.59 -3.36
N CYS B 442 3.99 9.63 -4.68
CA CYS B 442 4.10 10.87 -5.44
C CYS B 442 2.93 11.79 -5.09
N THR B 443 3.13 13.10 -5.22
CA THR B 443 2.09 14.07 -4.94
C THR B 443 0.85 13.72 -5.79
N ALA B 444 -0.34 13.99 -5.24
CA ALA B 444 -1.59 13.83 -5.98
C ALA B 444 -1.66 14.87 -7.10
N THR B 445 -2.38 14.53 -8.16
CA THR B 445 -2.64 15.42 -9.28
C THR B 445 -4.13 15.80 -9.24
N THR B 446 -4.41 17.10 -9.42
CA THR B 446 -5.78 17.61 -9.37
C THR B 446 -6.46 17.44 -10.73
N ASP B 447 -7.79 17.53 -10.72
CA ASP B 447 -8.61 17.55 -11.92
C ASP B 447 -8.18 18.71 -12.83
N ALA B 448 -7.93 19.88 -12.24
CA ALA B 448 -7.53 21.07 -13.03
C ALA B 448 -6.20 20.80 -13.75
N GLU B 449 -5.24 20.19 -13.04
CA GLU B 449 -3.91 19.87 -13.58
C GLU B 449 -4.06 18.86 -14.73
N PHE B 450 -4.91 17.84 -14.53
CA PHE B 450 -5.14 16.79 -15.52
C PHE B 450 -5.80 17.37 -16.78
N ASP B 451 -6.89 18.14 -16.57
CA ASP B 451 -7.67 18.73 -17.65
C ASP B 451 -6.79 19.62 -18.53
N ALA B 452 -5.89 20.40 -17.90
CA ALA B 452 -5.06 21.36 -18.65
C ALA B 452 -4.07 20.60 -19.55
N PHE B 453 -3.58 19.46 -19.06
CA PHE B 453 -2.64 18.60 -19.77
C PHE B 453 -3.35 17.86 -20.91
N ILE B 454 -4.49 17.25 -20.61
CA ILE B 454 -5.21 16.42 -21.55
C ILE B 454 -5.74 17.31 -22.69
N GLN B 455 -6.02 18.58 -22.38
CA GLN B 455 -6.57 19.53 -23.37
C GLN B 455 -5.47 20.27 -24.13
N ASP B 456 -4.20 20.04 -23.77
CA ASP B 456 -3.09 20.63 -24.51
C ASP B 456 -2.30 19.48 -25.16
N LYS B 457 -1.05 19.28 -24.75
CA LYS B 457 -0.12 18.39 -25.46
C LYS B 457 -0.39 16.92 -25.14
N GLY B 458 -1.25 16.65 -24.14
CA GLY B 458 -1.68 15.28 -23.80
C GLY B 458 -2.91 14.81 -24.56
N ALA B 459 -3.40 15.63 -25.50
CA ALA B 459 -4.62 15.35 -26.29
C ALA B 459 -4.46 14.08 -27.14
N PHE B 460 -5.62 13.50 -27.50
CA PHE B 460 -5.73 12.21 -28.18
C PHE B 460 -5.37 12.33 -29.65
N GLY B 461 -5.68 13.49 -30.27
CA GLY B 461 -5.41 13.72 -31.69
C GLY B 461 -6.62 13.37 -32.56
N HIS B 462 -6.46 13.51 -33.88
CA HIS B 462 -7.59 13.49 -34.82
C HIS B 462 -7.50 12.33 -35.81
N THR B 463 -6.30 12.05 -36.34
CA THR B 463 -6.11 10.90 -37.26
C THR B 463 -5.90 9.63 -36.43
N ASP B 464 -6.06 8.46 -37.07
CA ASP B 464 -5.83 7.18 -36.44
C ASP B 464 -4.37 7.05 -35.99
N ASN B 465 -3.45 7.60 -36.79
CA ASN B 465 -2.01 7.53 -36.49
C ASN B 465 -1.65 8.41 -35.28
N GLN B 466 -2.29 9.57 -35.16
CA GLN B 466 -2.04 10.47 -34.04
C GLN B 466 -2.49 9.77 -32.75
N LYS B 467 -3.63 9.07 -32.83
CA LYS B 467 -4.23 8.38 -31.70
C LYS B 467 -3.35 7.21 -31.25
N LEU B 468 -2.88 6.40 -32.21
CA LEU B 468 -2.05 5.25 -31.89
C LEU B 468 -0.72 5.73 -31.28
N GLU B 469 -0.23 6.89 -31.75
CA GLU B 469 1.01 7.50 -31.24
C GLU B 469 0.81 7.98 -29.79
N ALA B 470 -0.31 8.65 -29.51
CA ALA B 470 -0.59 9.17 -28.19
C ALA B 470 -0.78 8.02 -27.20
N ILE B 471 -1.61 7.02 -27.56
CA ILE B 471 -1.91 5.88 -26.71
C ILE B 471 -0.59 5.22 -26.27
N ASN B 472 0.29 4.92 -27.24
CA ASN B 472 1.47 4.10 -26.97
C ASN B 472 2.60 4.96 -26.40
N THR B 473 2.58 6.27 -26.67
CA THR B 473 3.51 7.19 -26.03
C THR B 473 3.19 7.26 -24.54
N GLN B 474 1.90 7.26 -24.20
CA GLN B 474 1.42 7.32 -22.82
C GLN B 474 1.66 5.99 -22.11
N ALA B 475 1.49 4.87 -22.85
CA ALA B 475 1.82 3.54 -22.33
C ALA B 475 3.31 3.48 -21.94
N TRP B 476 4.16 4.03 -22.81
CA TRP B 476 5.62 4.08 -22.63
C TRP B 476 5.97 4.73 -21.28
N ILE B 477 5.26 5.82 -20.95
CA ILE B 477 5.44 6.53 -19.68
C ILE B 477 4.95 5.63 -18.54
N LEU B 478 3.77 5.03 -18.73
CA LEU B 478 3.19 4.14 -17.72
C LEU B 478 4.21 3.03 -17.37
N HIS B 479 4.84 2.45 -18.41
CA HIS B 479 5.62 1.23 -18.26
C HIS B 479 7.03 1.50 -17.73
N PHE B 480 7.31 2.71 -17.27
CA PHE B 480 8.65 3.05 -16.79
C PHE B 480 9.12 2.04 -15.74
N THR B 481 8.26 1.65 -14.79
CA THR B 481 8.62 0.74 -13.71
C THR B 481 8.40 -0.73 -14.12
N ASN B 482 8.04 -0.96 -15.39
CA ASN B 482 7.84 -2.29 -15.96
C ASN B 482 8.66 -2.39 -17.24
N PRO B 483 10.01 -2.37 -17.16
CA PRO B 483 10.86 -2.27 -18.34
C PRO B 483 10.66 -3.40 -19.38
N ALA B 484 10.41 -4.62 -18.91
CA ALA B 484 10.15 -5.77 -19.81
C ALA B 484 8.99 -5.44 -20.74
N GLU B 485 7.90 -4.88 -20.17
CA GLU B 485 6.72 -4.54 -20.95
C GLU B 485 7.01 -3.30 -21.81
N CYS B 486 7.72 -2.32 -21.23
CA CYS B 486 8.07 -1.08 -21.91
C CYS B 486 8.74 -1.38 -23.25
N TRP B 487 9.83 -2.16 -23.22
CA TRP B 487 10.61 -2.47 -24.42
C TRP B 487 9.78 -3.33 -25.38
N ALA B 488 8.99 -4.26 -24.84
CA ALA B 488 8.10 -5.08 -25.65
C ALA B 488 7.15 -4.18 -26.45
N ASN B 489 6.52 -3.21 -25.79
CA ASN B 489 5.44 -2.43 -26.42
C ASN B 489 5.99 -1.38 -27.38
N VAL B 490 7.17 -0.81 -27.06
CA VAL B 490 7.84 0.13 -27.96
C VAL B 490 8.13 -0.58 -29.28
N ARG B 491 8.73 -1.77 -29.20
CA ARG B 491 9.08 -2.57 -30.35
C ARG B 491 7.83 -2.90 -31.17
N ARG B 492 6.76 -3.30 -30.49
CA ARG B 492 5.53 -3.76 -31.14
C ARG B 492 4.80 -2.59 -31.79
N SER B 493 4.47 -1.57 -30.98
CA SER B 493 3.62 -0.46 -31.41
C SER B 493 4.34 0.46 -32.41
N GLY B 494 5.68 0.50 -32.34
CA GLY B 494 6.51 1.41 -33.12
C GLY B 494 6.60 2.80 -32.51
N TYR B 495 6.07 2.95 -31.28
CA TYR B 495 5.95 4.25 -30.62
C TYR B 495 6.52 4.17 -29.20
N PRO B 496 7.16 5.26 -28.70
CA PRO B 496 7.45 6.44 -29.51
C PRO B 496 8.48 6.09 -30.59
N LYS B 497 8.53 6.90 -31.64
CA LYS B 497 9.51 6.74 -32.71
C LYS B 497 10.89 7.16 -32.20
N LEU B 498 11.73 6.19 -31.82
CA LEU B 498 13.04 6.47 -31.26
C LEU B 498 14.08 6.48 -32.38
N LYS B 499 15.13 7.29 -32.19
CA LYS B 499 16.21 7.46 -33.17
C LYS B 499 17.50 6.87 -32.58
N SER B 500 18.38 6.39 -33.47
CA SER B 500 19.63 5.77 -33.06
C SER B 500 20.51 6.79 -32.33
N PRO B 501 21.32 6.35 -31.34
CA PRO B 501 22.39 7.17 -30.80
C PRO B 501 23.26 7.87 -31.86
N ALA B 502 23.34 7.27 -33.06
CA ALA B 502 24.03 7.85 -34.22
C ALA B 502 23.46 9.22 -34.58
N GLU B 503 22.14 9.40 -34.43
CA GLU B 503 21.47 10.67 -34.75
C GLU B 503 21.85 11.75 -33.71
N TYR B 504 22.31 11.32 -32.53
CA TYR B 504 22.67 12.24 -31.42
C TYR B 504 24.20 12.48 -31.38
N GLY B 505 24.93 11.90 -32.34
CA GLY B 505 26.36 12.19 -32.57
C GLY B 505 27.30 11.13 -32.00
N PHE B 506 26.77 9.97 -31.58
CA PHE B 506 27.54 8.96 -30.84
C PHE B 506 27.77 7.71 -31.70
N GLY B 507 27.75 7.89 -33.02
CA GLY B 507 27.90 6.80 -34.00
C GLY B 507 29.22 6.08 -33.88
N GLN B 508 30.28 6.82 -33.54
CA GLN B 508 31.64 6.27 -33.50
C GLN B 508 31.78 5.18 -32.44
N TYR B 509 30.82 5.07 -31.52
CA TYR B 509 30.91 4.15 -30.39
C TYR B 509 30.06 2.88 -30.63
N LEU B 510 29.25 2.86 -31.68
CA LEU B 510 28.21 1.83 -31.85
C LEU B 510 28.81 0.54 -32.41
N THR B 511 29.54 -0.19 -31.57
CA THR B 511 30.33 -1.35 -31.99
C THR B 511 29.42 -2.52 -32.42
N GLY B 512 28.17 -2.52 -31.94
CA GLY B 512 27.21 -3.61 -32.22
C GLY B 512 26.19 -3.24 -33.29
N GLY B 513 26.39 -2.10 -33.97
CA GLY B 513 25.57 -1.68 -35.10
C GLY B 513 24.83 -0.39 -34.81
N THR B 514 24.27 0.21 -35.88
CA THR B 514 23.63 1.52 -35.84
C THR B 514 22.23 1.40 -35.20
N GLU B 515 21.46 0.40 -35.62
CA GLU B 515 20.04 0.30 -35.25
C GLU B 515 19.93 -0.23 -33.81
N ILE B 516 18.98 0.33 -33.07
CA ILE B 516 18.69 -0.08 -31.70
C ILE B 516 18.31 -1.56 -31.72
N PRO B 517 19.00 -2.43 -30.95
CA PRO B 517 18.64 -3.84 -30.88
C PRO B 517 17.15 -4.06 -30.61
N VAL B 518 16.60 -5.13 -31.19
CA VAL B 518 15.17 -5.46 -31.11
C VAL B 518 14.99 -6.78 -30.36
N ARG B 519 16.10 -7.41 -29.97
CA ARG B 519 16.10 -8.58 -29.09
C ARG B 519 17.50 -8.75 -28.48
N LEU B 520 17.67 -9.76 -27.63
CA LEU B 520 18.97 -10.16 -27.11
C LEU B 520 19.30 -11.57 -27.63
N CYS B 521 20.60 -11.91 -27.61
CA CYS B 521 21.09 -13.18 -28.13
C CYS B 521 20.99 -14.26 -27.05
N TYR B 522 21.00 -15.51 -27.47
CA TYR B 522 21.03 -16.66 -26.58
C TYR B 522 22.37 -16.71 -25.84
N PRO B 523 22.40 -17.23 -24.59
CA PRO B 523 23.67 -17.50 -23.92
C PRO B 523 24.51 -18.46 -24.79
N VAL B 524 25.80 -18.14 -24.91
CA VAL B 524 26.70 -18.86 -25.81
C VAL B 524 26.90 -20.29 -25.30
N LEU B 525 26.72 -20.51 -23.99
CA LEU B 525 26.88 -21.85 -23.39
C LEU B 525 25.75 -22.81 -23.81
N GLU B 526 24.67 -22.30 -24.42
CA GLU B 526 23.62 -23.16 -25.00
C GLU B 526 24.20 -23.93 -26.19
N SER B 527 25.21 -23.34 -26.85
CA SER B 527 25.93 -23.95 -27.96
C SER B 527 26.56 -25.29 -27.56
N SER B 528 26.96 -25.43 -26.29
CA SER B 528 27.58 -26.65 -25.77
C SER B 528 26.53 -27.56 -25.09
N TYR B 529 25.77 -27.00 -24.15
CA TYR B 529 24.95 -27.79 -23.22
C TYR B 529 23.62 -28.20 -23.86
N ASN B 530 23.22 -27.57 -24.97
CA ASN B 530 21.97 -27.93 -25.70
C ASN B 530 22.16 -27.69 -27.20
N LYS B 531 23.19 -28.35 -27.76
CA LYS B 531 23.66 -28.21 -29.16
C LYS B 531 22.49 -28.20 -30.16
N LYS B 532 21.80 -29.34 -30.29
CA LYS B 532 20.88 -29.60 -31.38
C LYS B 532 19.81 -28.49 -31.40
N SER B 533 19.17 -28.27 -30.24
CA SER B 533 18.05 -27.34 -30.08
C SER B 533 18.47 -25.90 -30.44
N TYR B 534 19.59 -25.47 -29.85
CA TYR B 534 20.21 -24.16 -30.11
C TYR B 534 20.43 -23.97 -31.63
N ASN B 535 21.12 -24.94 -32.26
CA ASN B 535 21.50 -24.85 -33.67
C ASN B 535 20.24 -24.76 -34.55
N GLU B 536 19.21 -25.51 -34.16
CA GLU B 536 17.92 -25.57 -34.84
C GLU B 536 17.28 -24.17 -34.82
N ALA B 537 17.27 -23.55 -33.64
CA ALA B 537 16.70 -22.21 -33.43
C ALA B 537 17.44 -21.17 -34.28
N ILE B 538 18.76 -21.33 -34.41
CA ILE B 538 19.61 -20.36 -35.13
C ILE B 538 19.41 -20.54 -36.65
N GLU B 539 19.05 -21.76 -37.07
CA GLU B 539 18.72 -22.03 -38.47
C GLU B 539 17.48 -21.23 -38.87
N ARG B 540 16.47 -21.20 -37.98
CA ARG B 540 15.18 -20.56 -38.26
C ARG B 540 15.34 -19.05 -38.47
N MET B 541 16.38 -18.44 -37.87
CA MET B 541 16.68 -17.00 -38.06
C MET B 541 17.62 -16.81 -39.26
N GLY B 542 18.07 -17.92 -39.86
CA GLY B 542 18.83 -17.91 -41.11
C GLY B 542 20.34 -17.97 -40.90
N GLY B 543 20.77 -18.66 -39.83
CA GLY B 543 22.17 -19.06 -39.65
C GLY B 543 22.94 -18.21 -38.64
N THR B 544 22.33 -17.13 -38.14
CA THR B 544 22.96 -16.21 -37.17
C THR B 544 22.10 -16.08 -35.90
N ASP B 545 22.72 -15.51 -34.86
CA ASP B 545 22.07 -15.12 -33.63
C ASP B 545 22.33 -13.62 -33.43
N ASN B 546 21.50 -12.81 -34.10
CA ASN B 546 21.74 -11.38 -34.28
C ASN B 546 20.69 -10.57 -33.52
N TRP B 547 21.13 -9.56 -32.76
CA TRP B 547 20.21 -8.77 -31.90
C TRP B 547 19.50 -7.68 -32.70
N HIS B 548 19.77 -7.60 -34.01
CA HIS B 548 19.01 -6.77 -34.94
C HIS B 548 17.92 -7.60 -35.63
N SER B 549 17.85 -8.91 -35.34
CA SER B 549 16.83 -9.80 -35.93
C SER B 549 15.48 -9.59 -35.24
N LEU B 550 14.47 -9.27 -36.04
CA LEU B 550 13.13 -9.00 -35.57
C LEU B 550 12.50 -10.29 -35.03
N LEU B 551 11.88 -10.18 -33.85
CA LEU B 551 11.09 -11.27 -33.27
C LEU B 551 9.84 -11.51 -34.12
N TRP B 552 9.24 -12.69 -33.95
CA TRP B 552 8.06 -13.09 -34.71
C TRP B 552 6.99 -11.98 -34.65
N TRP B 553 6.67 -11.48 -33.46
CA TRP B 553 5.54 -10.51 -33.29
C TRP B 553 5.93 -9.07 -33.69
N ASP B 554 7.21 -8.82 -34.01
CA ASP B 554 7.73 -7.50 -34.39
C ASP B 554 7.89 -7.44 -35.91
N THR B 555 7.15 -6.53 -36.56
CA THR B 555 7.00 -6.54 -38.05
C THR B 555 7.87 -5.45 -38.73
N GLU B 556 8.23 -4.39 -37.99
CA GLU B 556 9.11 -3.32 -38.51
C GLU B 556 10.00 -2.79 -37.37
N ASN B 557 11.09 -2.10 -37.76
CA ASN B 557 12.09 -1.50 -36.83
C ASN B 557 12.33 -0.05 -37.24
C2 BGC C . 7.85 -1.45 26.98
C3 BGC C . 8.52 -2.81 27.21
C4 BGC C . 9.90 -2.91 26.55
C5 BGC C . 10.72 -1.61 26.69
C6 BGC C . 12.01 -1.64 25.87
C1 BGC C . 8.79 -0.24 27.07
O1 BGC C . 8.08 0.90 26.61
O2 BGC C . 6.81 -1.28 27.96
O3 BGC C . 7.65 -3.86 26.70
O4 BGC C . 10.61 -3.97 27.19
O5 BGC C . 9.95 -0.47 26.26
O6 BGC C . 12.38 -0.29 25.55
C2 BGC C . 6.25 -5.80 27.20
C3 BGC C . 5.64 -6.59 28.34
C4 BGC C . 6.67 -7.06 29.33
C5 BGC C . 7.70 -5.99 29.65
C6 BGC C . 8.91 -6.64 30.31
C1 BGC C . 7.13 -4.69 27.75
O2 BGC C . 5.21 -5.27 26.39
O3 BGC C . 4.94 -7.72 27.82
O4 BGC C . 6.01 -7.44 30.56
O5 BGC C . 8.17 -5.33 28.49
O6 BGC C . 9.35 -5.73 31.31
C2 BGC C . 5.41 -9.13 32.15
C3 BGC C . 5.30 -10.61 32.41
C4 BGC C . 4.54 -11.30 31.29
C5 BGC C . 5.07 -10.90 29.91
C6 BGC C . 4.19 -11.50 28.81
C1 BGC C . 5.96 -8.86 30.75
O2 BGC C . 6.23 -8.53 33.14
O3 BGC C . 4.61 -10.82 33.64
O4 BGC C . 4.64 -12.71 31.50
O5 BGC C . 5.13 -9.48 29.77
O6 BGC C . 4.66 -11.06 27.53
C2 BGC C . 3.37 -14.67 31.64
C3 BGC C . 2.33 -15.51 32.34
C4 BGC C . 2.47 -15.36 33.85
C5 BGC C . 2.49 -13.88 34.22
C6 BGC C . 2.61 -13.71 35.72
C1 BGC C . 3.50 -13.25 32.17
O2 BGC C . 3.08 -14.58 30.24
O3 BGC C . 2.62 -16.88 31.98
O4 BGC C . 1.41 -16.04 34.53
O5 BGC C . 3.61 -13.24 33.59
O6 BGC C . 3.78 -12.92 35.96
C2 BGC C . 1.81 -18.97 31.17
C3 BGC C . 0.65 -19.95 31.18
C4 BGC C . 0.27 -20.30 32.61
C5 BGC C . 0.07 -19.03 33.41
C6 BGC C . -0.29 -19.33 34.86
C1 BGC C . 1.49 -17.76 32.03
O2 BGC C . 2.11 -18.56 29.81
O3 BGC C . 1.01 -21.15 30.47
O4 BGC C . -0.97 -21.04 32.67
O5 BGC C . 1.24 -18.21 33.35
O6 BGC C . -0.52 -18.06 35.48
C2 BGC C . -2.12 -23.06 33.24
C3 BGC C . -2.00 -24.56 33.40
C4 BGC C . -1.42 -25.18 32.14
C5 BGC C . -0.11 -24.50 31.75
C6 BGC C . 0.40 -24.98 30.40
C1 BGC C . -0.76 -22.45 32.88
O2 BGC C . -2.62 -22.56 34.48
O3 BGC C . -3.30 -25.07 33.66
O4 BGC C . -1.23 -26.57 32.43
O5 BGC C . -0.23 -23.07 31.72
O6 BGC C . 1.78 -24.57 30.26
C2 BGC C . -1.74 -28.86 31.85
C3 BGC C . -2.80 -29.84 31.37
C4 BGC C . -4.01 -29.76 32.27
C5 BGC C . -4.50 -28.32 32.47
C6 BGC C . -5.70 -28.31 33.42
C1 BGC C . -2.31 -27.44 32.01
O2 BGC C . -0.60 -28.87 30.97
O3 BGC C . -2.29 -31.18 31.38
O4 BGC C . -5.07 -30.53 31.70
O5 BGC C . -3.42 -27.47 32.92
O6 BGC C . -5.44 -27.53 34.59
C2 BGC D . 27.06 -7.88 -11.00
C3 BGC D . 28.44 -7.40 -10.54
C4 BGC D . 28.90 -8.15 -9.29
C5 BGC D . 28.69 -9.67 -9.40
C6 BGC D . 28.99 -10.39 -8.09
C1 BGC D . 27.01 -9.40 -11.10
O1 BGC D . 25.68 -9.81 -11.46
O2 BGC D . 26.79 -7.28 -12.28
O3 BGC D . 28.34 -5.99 -10.28
O4 BGC D . 30.28 -7.86 -9.05
O5 BGC D . 27.35 -9.96 -9.83
O6 BGC D . 28.12 -11.51 -7.87
C2 BGC D . 28.58 -3.75 -11.19
C3 BGC D . 29.20 -2.95 -12.33
C4 BGC D . 30.72 -3.10 -12.26
C5 BGC D . 31.19 -4.55 -12.09
C6 BGC D . 32.60 -4.52 -11.53
C1 BGC D . 28.97 -5.21 -11.31
O2 BGC D . 27.15 -3.55 -11.19
O3 BGC D . 28.84 -1.58 -12.19
O4 BGC D . 31.30 -2.57 -13.46
O5 BGC D . 30.39 -5.33 -11.18
O6 BGC D . 33.16 -5.83 -11.68
C2 BGC D . 33.00 -1.17 -14.41
C3 BGC D . 33.69 0.18 -14.37
C4 BGC D . 32.73 1.31 -14.00
C5 BGC D . 31.95 0.93 -12.76
C6 BGC D . 30.97 1.99 -12.30
C1 BGC D . 32.07 -1.38 -13.23
O2 BGC D . 33.96 -2.22 -14.41
O3 BGC D . 34.22 0.49 -15.67
O4 BGC D . 33.45 2.52 -13.76
O5 BGC D . 31.22 -0.24 -13.06
O6 BGC D . 30.03 1.38 -11.41
C2 BGC D . 33.64 4.75 -14.19
C3 BGC D . 33.95 5.91 -15.12
C4 BGC D . 35.06 5.58 -16.10
C5 BGC D . 34.92 4.20 -16.69
C6 BGC D . 36.22 3.90 -17.42
C1 BGC D . 33.57 3.41 -14.87
O2 BGC D . 32.38 4.97 -13.56
O3 BGC D . 34.33 6.99 -14.26
O4 BGC D . 35.06 6.50 -17.20
O5 BGC D . 34.70 3.18 -15.70
O6 BGC D . 36.08 2.61 -17.97
C2 BGC D . 34.27 9.34 -13.73
C3 BGC D . 33.95 10.70 -14.33
C4 BGC D . 34.92 10.99 -15.46
C5 BGC D . 34.90 9.86 -16.46
C6 BGC D . 35.93 10.11 -17.57
C1 BGC D . 34.17 8.30 -14.84
O2 BGC D . 33.41 9.02 -12.64
O3 BGC D . 34.06 11.71 -13.31
O4 BGC D . 34.48 12.15 -16.15
O5 BGC D . 35.14 8.61 -15.83
O6 BGC D . 35.75 9.05 -18.49
C2 BGC D . 35.05 14.32 -16.92
C3 BGC D . 35.71 15.65 -16.61
C4 BGC D . 35.37 16.10 -15.19
C5 BGC D . 35.51 14.97 -14.17
C6 BGC D . 35.01 15.33 -12.78
C1 BGC D . 35.25 13.30 -15.81
O2 BGC D . 35.56 13.78 -18.15
O3 BGC D . 35.21 16.60 -17.57
O4 BGC D . 36.24 17.17 -14.81
O5 BGC D . 34.77 13.82 -14.59
O6 BGC D . 35.61 14.42 -11.84
C2 BGC D . 36.51 19.53 -14.37
C3 BGC D . 35.96 20.91 -14.65
C4 BGC D . 35.92 21.12 -16.16
C5 BGC D . 35.17 19.99 -16.86
C6 BGC D . 35.09 20.17 -18.38
C1 BGC D . 35.72 18.46 -15.15
O2 BGC D . 36.46 19.25 -12.96
O3 BGC D . 36.75 21.93 -14.00
O4 BGC D . 35.27 22.35 -16.43
O5 BGC D . 35.79 18.74 -16.56
O6 BGC D . 36.38 20.48 -18.91
MG MG E . -21.07 7.17 28.70
MG MG F . 8.88 -2.94 -34.35
C1 EDO G . 5.16 20.52 -14.99
O1 EDO G . 4.14 21.30 -14.37
C2 EDO G . 5.12 20.69 -16.51
O2 EDO G . 6.36 21.21 -16.99
C1 EDO H . 5.72 27.23 -16.34
O1 EDO H . 6.16 25.89 -16.59
C2 EDO H . 4.31 27.44 -16.90
O2 EDO H . 4.15 26.68 -18.10
#